data_2QO0
#
_entry.id   2QO0
#
_cell.length_a   55.301
_cell.length_b   93.052
_cell.length_c   104.722
_cell.angle_alpha   90.00
_cell.angle_beta   90.00
_cell.angle_gamma   90.00
#
_symmetry.space_group_name_H-M   'P 21 21 21'
#
loop_
_entity.id
_entity.type
_entity.pdbx_description
1 polymer '3-oxoacyl-[acyl-carrier-protein] synthase 3'
2 non-polymer DECANE-1-THIOL
3 water water
#
_entity_poly.entity_id   1
_entity_poly.type   'polypeptide(L)'
_entity_poly.pdbx_seq_one_letter_code
;MTEIATTSGARSVGLLSVGAYRPERVVTNDEICQHIDSSDEWIYTRTGIKTRRFAADDESAASMATEACRRALSNAGLSA
ADIDGVIVTTNTHFLQTPPAAPMVAASLGAKGILGFDLSAGCAGFGYALGAAADMIRGGGAATMLVVGTEKLSPTIDMYD
RGNCFIFADGAAAVVVGETPFQGIGPTVAGSDGEQADAIRQDIDWITFAQNPSGPRPFVRLEGPAVFRWAAFKMGDVGRR
AMDAAGVRPDQIDVFVPHQFNSRINELLVKNLQLRPDAVVANDIEHTGNTSAASIPLAMAELLTTGAAKPGDLALLIGYG
AGLSYAAQVVRMPKG
;
_entity_poly.pdbx_strand_id   A,B
#
# COMPACT_ATOMS: atom_id res chain seq x y z
N MET A 1 -6.99 28.52 -16.13
CA MET A 1 -5.97 27.47 -15.95
C MET A 1 -5.00 27.87 -14.81
N THR A 2 -5.56 28.08 -13.61
CA THR A 2 -4.85 28.55 -12.41
C THR A 2 -3.56 27.76 -12.14
N GLU A 3 -2.53 28.45 -11.64
CA GLU A 3 -1.27 27.76 -11.41
C GLU A 3 -1.35 26.78 -10.22
N ILE A 4 -0.89 25.56 -10.44
CA ILE A 4 -0.67 24.60 -9.37
C ILE A 4 0.85 24.52 -9.21
N ALA A 5 1.32 24.74 -7.99
CA ALA A 5 2.77 24.76 -7.69
C ALA A 5 3.51 23.47 -8.09
N THR A 6 4.73 23.65 -8.60
CA THR A 6 5.69 22.59 -8.82
C THR A 6 6.71 22.71 -7.69
N THR A 7 6.98 21.59 -7.03
CA THR A 7 7.92 21.56 -5.92
C THR A 7 8.97 20.45 -6.09
N SER A 8 10.00 20.49 -5.27
CA SER A 8 11.00 19.44 -5.23
C SER A 8 11.63 19.35 -3.85
N GLY A 9 12.24 18.22 -3.55
CA GLY A 9 12.90 18.01 -2.27
C GLY A 9 14.38 17.82 -2.51
N ALA A 10 15.02 17.10 -1.59
CA ALA A 10 16.44 16.80 -1.71
C ALA A 10 16.67 15.81 -2.85
N ARG A 11 17.73 16.02 -3.61
CA ARG A 11 18.03 15.17 -4.76
C ARG A 11 18.72 13.86 -4.36
N SER A 12 19.71 13.95 -3.47
CA SER A 12 20.41 12.78 -2.99
C SER A 12 19.75 12.23 -1.74
N VAL A 13 19.22 11.03 -1.85
CA VAL A 13 18.63 10.33 -0.70
C VAL A 13 19.25 8.95 -0.57
N GLY A 14 19.40 8.51 0.66
CA GLY A 14 19.95 7.19 0.94
C GLY A 14 19.47 6.63 2.25
N LEU A 15 20.01 5.48 2.60
CA LEU A 15 19.64 4.83 3.84
C LEU A 15 20.51 5.35 4.97
N LEU A 16 19.89 6.01 5.93
CA LEU A 16 20.58 6.57 7.09
C LEU A 16 20.86 5.53 8.17
N SER A 17 19.97 4.54 8.27
CA SER A 17 20.14 3.44 9.21
C SER A 17 19.24 2.29 8.88
N VAL A 18 19.51 1.17 9.55
CA VAL A 18 18.60 0.02 9.59
C VAL A 18 18.47 -0.43 11.04
N GLY A 19 17.27 -0.85 11.42
CA GLY A 19 17.02 -1.51 12.69
C GLY A 19 16.21 -2.76 12.46
N ALA A 20 16.49 -3.80 13.22
CA ALA A 20 15.90 -5.12 12.99
C ALA A 20 15.34 -5.72 14.26
N TYR A 21 14.20 -6.38 14.13
CA TYR A 21 13.64 -7.13 15.26
C TYR A 21 13.29 -8.57 14.90
N ARG A 22 13.80 -9.51 15.68
CA ARG A 22 13.45 -10.91 15.53
C ARG A 22 12.89 -11.43 16.86
N PRO A 23 11.73 -12.11 16.82
CA PRO A 23 11.12 -12.68 18.03
C PRO A 23 12.03 -13.72 18.68
N GLU A 24 11.82 -13.96 19.96
CA GLU A 24 12.76 -14.78 20.70
C GLU A 24 12.68 -16.30 20.50
N ARG A 25 11.52 -16.82 20.13
CA ARG A 25 11.35 -18.27 20.11
C ARG A 25 12.06 -18.88 18.91
N VAL A 26 13.09 -19.69 19.19
CA VAL A 26 13.78 -20.45 18.17
C VAL A 26 12.97 -21.71 17.85
N VAL A 27 12.59 -21.86 16.59
CA VAL A 27 11.79 -22.99 16.15
C VAL A 27 12.64 -23.88 15.23
N THR A 28 12.74 -25.16 15.59
CA THR A 28 13.54 -26.10 14.81
C THR A 28 12.69 -26.80 13.74
N ASN A 29 13.37 -27.49 12.82
CA ASN A 29 12.67 -28.16 11.74
C ASN A 29 11.71 -29.25 12.27
N ASP A 30 12.06 -29.79 13.45
CA ASP A 30 11.32 -30.87 14.12
C ASP A 30 10.03 -30.45 14.84
N GLU A 31 9.69 -29.17 14.78
CA GLU A 31 8.53 -28.62 15.53
C GLU A 31 7.47 -28.05 14.62
N ILE A 32 7.87 -27.56 13.45
CA ILE A 32 6.95 -27.02 12.47
C ILE A 32 6.60 -28.09 11.42
N CYS A 33 6.11 -29.24 11.88
CA CYS A 33 5.74 -30.37 11.01
C CYS A 33 4.84 -31.37 11.73
N GLN A 34 4.94 -32.65 11.36
CA GLN A 34 4.25 -33.74 12.06
C GLN A 34 5.10 -35.01 12.02
N GLU A 41 15.20 -34.51 7.21
CA GLU A 41 16.66 -34.50 7.08
C GLU A 41 17.16 -33.63 5.94
N TRP A 42 16.32 -33.44 4.91
CA TRP A 42 16.72 -32.72 3.70
C TRP A 42 16.09 -31.34 3.52
N ILE A 43 15.48 -30.80 4.57
CA ILE A 43 14.92 -29.43 4.49
C ILE A 43 16.05 -28.42 4.28
N TYR A 44 17.07 -28.49 5.12
CA TYR A 44 18.22 -27.58 5.04
C TYR A 44 18.88 -27.63 3.65
N THR A 45 19.08 -28.84 3.16
CA THR A 45 19.65 -29.10 1.84
C THR A 45 18.85 -28.45 0.71
N ARG A 46 17.52 -28.55 0.82
CA ARG A 46 16.61 -28.16 -0.24
C ARG A 46 16.23 -26.68 -0.22
N THR A 47 16.36 -26.04 0.93
CA THR A 47 15.85 -24.68 1.11
C THR A 47 16.85 -23.72 1.74
N GLY A 48 17.76 -24.25 2.55
CA GLY A 48 18.76 -23.46 3.26
C GLY A 48 18.39 -23.10 4.68
N ILE A 49 17.30 -23.69 5.18
CA ILE A 49 16.76 -23.36 6.49
C ILE A 49 17.04 -24.41 7.55
N LYS A 50 17.56 -23.97 8.70
CA LYS A 50 17.75 -24.81 9.88
C LYS A 50 16.75 -24.46 11.00
N THR A 51 16.66 -23.17 11.34
CA THR A 51 15.72 -22.69 12.35
C THR A 51 15.09 -21.40 11.87
N ARG A 52 14.00 -20.99 12.51
CA ARG A 52 13.40 -19.69 12.28
C ARG A 52 12.88 -19.14 13.60
N ARG A 53 12.48 -17.86 13.60
CA ARG A 53 11.91 -17.22 14.78
C ARG A 53 10.39 -17.11 14.63
N PHE A 54 9.67 -17.47 15.69
CA PHE A 54 8.22 -17.28 15.73
C PHE A 54 7.87 -16.23 16.77
N ALA A 55 6.96 -15.31 16.41
CA ALA A 55 6.47 -14.29 17.36
C ALA A 55 5.59 -14.89 18.43
N ALA A 56 5.45 -14.17 19.55
CA ALA A 56 4.55 -14.56 20.63
C ALA A 56 3.11 -14.26 20.24
N ASP A 57 2.15 -14.87 20.93
CA ASP A 57 0.71 -14.65 20.69
C ASP A 57 0.28 -13.19 20.79
N ASP A 58 0.88 -12.47 21.74
CA ASP A 58 0.60 -11.06 21.98
C ASP A 58 1.31 -10.12 21.01
N GLU A 59 2.20 -10.65 20.18
CA GLU A 59 2.91 -9.83 19.19
C GLU A 59 2.13 -9.81 17.89
N SER A 60 2.38 -8.79 17.09
CA SER A 60 1.70 -8.61 15.81
C SER A 60 2.69 -8.02 14.81
N ALA A 61 2.33 -8.06 13.54
CA ALA A 61 3.13 -7.40 12.51
C ALA A 61 3.37 -5.93 12.90
N ALA A 62 2.33 -5.30 13.44
CA ALA A 62 2.39 -3.91 13.83
C ALA A 62 3.33 -3.70 15.02
N SER A 63 3.26 -4.58 16.01
CA SER A 63 4.09 -4.42 17.21
C SER A 63 5.55 -4.63 16.86
N MET A 64 5.84 -5.64 16.03
CA MET A 64 7.21 -5.86 15.58
C MET A 64 7.75 -4.73 14.69
N ALA A 65 6.87 -4.11 13.89
CA ALA A 65 7.26 -2.96 13.08
C ALA A 65 7.70 -1.81 13.98
N THR A 66 6.95 -1.62 15.05
CA THR A 66 7.25 -0.54 15.99
C THR A 66 8.67 -0.70 16.55
N GLU A 67 8.97 -1.90 17.05
CA GLU A 67 10.31 -2.23 17.59
C GLU A 67 11.46 -2.04 16.62
N ALA A 68 11.27 -2.50 15.38
CA ALA A 68 12.27 -2.33 14.33
C ALA A 68 12.52 -0.86 14.03
N CYS A 69 11.44 -0.06 14.03
CA CYS A 69 11.50 1.37 13.78
C CYS A 69 12.21 2.08 14.90
N ARG A 70 11.99 1.63 16.12
CA ARG A 70 12.65 2.23 17.27
C ARG A 70 14.15 2.06 17.12
N ARG A 71 14.56 0.84 16.76
CA ARG A 71 15.97 0.51 16.60
C ARG A 71 16.60 1.26 15.43
N ALA A 72 15.83 1.46 14.37
CA ALA A 72 16.31 2.18 13.20
C ALA A 72 16.52 3.67 13.49
N LEU A 73 15.64 4.26 14.31
CA LEU A 73 15.79 5.65 14.74
C LEU A 73 17.03 5.81 15.63
N SER A 74 17.17 4.91 16.59
CA SER A 74 18.31 4.90 17.49
C SER A 74 19.63 4.81 16.74
N ASN A 75 19.69 3.92 15.74
CA ASN A 75 20.90 3.71 14.94
C ASN A 75 21.23 4.89 14.04
N ALA A 76 20.24 5.72 13.76
CA ALA A 76 20.42 6.90 12.91
C ALA A 76 20.79 8.15 13.70
N GLY A 77 20.75 8.06 15.02
CA GLY A 77 20.88 9.25 15.87
C GLY A 77 19.64 10.14 15.81
N LEU A 78 18.50 9.56 15.44
CA LEU A 78 17.26 10.34 15.35
C LEU A 78 16.18 9.95 16.36
N SER A 79 15.26 10.88 16.60
CA SER A 79 14.02 10.60 17.33
C SER A 79 12.82 10.64 16.38
N ALA A 80 11.67 10.20 16.89
CA ALA A 80 10.44 10.15 16.12
C ALA A 80 10.00 11.51 15.58
N ALA A 81 10.29 12.58 16.32
CA ALA A 81 9.99 13.93 15.84
C ALA A 81 10.77 14.31 14.55
N ASP A 82 11.80 13.55 14.22
CA ASP A 82 12.59 13.79 13.00
C ASP A 82 11.96 13.18 11.74
N ILE A 83 10.98 12.30 11.94
CA ILE A 83 10.39 11.52 10.84
C ILE A 83 9.13 12.18 10.29
N ASP A 84 9.05 12.31 8.97
CA ASP A 84 7.92 12.96 8.32
C ASP A 84 6.84 11.99 7.90
N GLY A 85 7.21 10.72 7.80
CA GLY A 85 6.28 9.71 7.33
C GLY A 85 6.79 8.30 7.52
N VAL A 86 5.87 7.36 7.53
CA VAL A 86 6.20 5.97 7.70
C VAL A 86 5.40 5.13 6.71
N ILE A 87 6.07 4.20 6.05
CA ILE A 87 5.40 3.20 5.23
C ILE A 87 5.65 1.86 5.86
N VAL A 88 4.57 1.17 6.20
CA VAL A 88 4.63 -0.22 6.62
C VAL A 88 4.36 -1.11 5.42
N THR A 89 5.25 -2.06 5.20
CA THR A 89 5.01 -3.06 4.17
C THR A 89 4.90 -4.46 4.80
N THR A 90 3.85 -5.17 4.42
CA THR A 90 3.52 -6.43 5.07
C THR A 90 2.48 -7.23 4.28
N ASN A 91 2.34 -8.50 4.66
CA ASN A 91 1.28 -9.39 4.19
C ASN A 91 0.49 -9.96 5.36
N THR A 92 0.87 -9.60 6.58
CA THR A 92 0.31 -10.24 7.76
C THR A 92 -0.21 -9.26 8.80
N HIS A 93 -0.77 -8.14 8.34
CA HIS A 93 -1.58 -7.31 9.21
C HIS A 93 -3.00 -7.83 9.05
N PHE A 94 -3.48 -8.55 10.07
CA PHE A 94 -4.74 -9.29 9.92
C PHE A 94 -5.98 -8.47 10.21
N LEU A 95 -5.96 -7.20 9.80
CA LEU A 95 -7.13 -6.33 9.82
C LEU A 95 -7.29 -5.68 8.46
N GLN A 96 -8.52 -5.65 7.96
CA GLN A 96 -8.81 -4.94 6.71
C GLN A 96 -8.61 -3.45 6.92
N THR A 97 -9.07 -2.98 8.07
CA THR A 97 -8.76 -1.63 8.53
C THR A 97 -8.79 -1.68 10.07
N PRO A 98 -8.09 -0.75 10.75
CA PRO A 98 -7.24 0.32 10.28
C PRO A 98 -5.90 -0.22 9.77
N PRO A 99 -5.16 0.59 8.97
CA PRO A 99 -3.82 0.22 8.50
C PRO A 99 -2.88 0.25 9.67
N ALA A 100 -1.79 -0.48 9.56
CA ALA A 100 -0.78 -0.52 10.62
C ALA A 100 0.04 0.78 10.76
N ALA A 101 0.24 1.50 9.66
CA ALA A 101 1.15 2.67 9.66
C ALA A 101 0.82 3.73 10.73
N PRO A 102 -0.46 4.18 10.83
CA PRO A 102 -0.77 5.13 11.90
C PRO A 102 -0.60 4.55 13.31
N MET A 103 -0.89 3.25 13.46
CA MET A 103 -0.66 2.53 14.72
C MET A 103 0.82 2.57 15.12
N VAL A 104 1.70 2.27 14.16
CA VAL A 104 3.15 2.35 14.39
C VAL A 104 3.53 3.81 14.73
N ALA A 105 3.00 4.75 13.95
CA ALA A 105 3.27 6.18 14.14
C ALA A 105 2.96 6.60 15.58
N ALA A 106 1.75 6.27 16.04
CA ALA A 106 1.34 6.55 17.43
C ALA A 106 2.21 5.83 18.47
N SER A 107 2.56 4.57 18.20
CA SER A 107 3.42 3.80 19.11
C SER A 107 4.82 4.39 19.26
N LEU A 108 5.31 5.05 18.22
CA LEU A 108 6.62 5.73 18.27
C LEU A 108 6.54 7.11 18.89
N GLY A 109 5.32 7.59 19.11
CA GLY A 109 5.10 8.91 19.70
C GLY A 109 4.98 10.01 18.67
N ALA A 110 4.58 9.65 17.45
CA ALA A 110 4.36 10.60 16.37
C ALA A 110 3.02 10.31 15.70
N LYS A 111 1.95 10.42 16.48
CA LYS A 111 0.61 9.98 16.08
C LYS A 111 0.05 10.72 14.87
N GLY A 112 0.64 11.88 14.56
CA GLY A 112 0.13 12.74 13.48
C GLY A 112 0.78 12.64 12.10
N ILE A 113 1.91 11.96 12.01
CA ILE A 113 2.66 11.89 10.75
C ILE A 113 1.97 11.01 9.72
N LEU A 114 2.13 11.37 8.45
CA LEU A 114 1.55 10.65 7.33
C LEU A 114 2.05 9.21 7.29
N GLY A 115 1.33 8.33 6.60
CA GLY A 115 1.76 6.96 6.46
C GLY A 115 0.67 6.08 5.87
N PHE A 116 1.09 4.97 5.30
CA PHE A 116 0.16 4.01 4.69
C PHE A 116 0.80 2.62 4.68
N ASP A 117 -0.01 1.61 4.33
CA ASP A 117 0.47 0.24 4.25
C ASP A 117 0.64 -0.11 2.79
N LEU A 118 1.72 -0.82 2.48
CA LEU A 118 1.99 -1.22 1.11
C LEU A 118 2.07 -2.74 1.05
N SER A 119 1.25 -3.32 0.18
CA SER A 119 1.24 -4.76 -0.06
C SER A 119 1.63 -5.14 -1.48
N ALA A 120 2.74 -5.83 -1.61
CA ALA A 120 3.18 -6.38 -2.90
C ALA A 120 3.90 -7.71 -2.69
N GLY A 121 3.23 -8.60 -1.95
CA GLY A 121 3.77 -9.90 -1.62
C GLY A 121 5.11 -9.74 -0.94
N CYS A 122 6.07 -10.58 -1.36
CA CYS A 122 7.42 -10.53 -0.80
C CYS A 122 8.18 -9.27 -1.24
N ALA A 123 7.86 -8.75 -2.44
CA ALA A 123 8.55 -7.56 -2.98
C ALA A 123 8.12 -6.22 -2.37
N GLY A 124 7.25 -6.24 -1.38
CA GLY A 124 6.76 -5.01 -0.76
C GLY A 124 7.85 -4.04 -0.34
N PHE A 125 8.95 -4.56 0.18
CA PHE A 125 10.02 -3.68 0.66
C PHE A 125 10.66 -2.82 -0.45
N GLY A 126 10.98 -3.43 -1.59
CA GLY A 126 11.57 -2.71 -2.71
C GLY A 126 10.66 -1.63 -3.23
N TYR A 127 9.37 -1.93 -3.32
CA TYR A 127 8.37 -0.95 -3.70
C TYR A 127 8.26 0.17 -2.68
N ALA A 128 8.29 -0.18 -1.40
CA ALA A 128 8.14 0.79 -0.32
C ALA A 128 9.32 1.74 -0.22
N LEU A 129 10.53 1.20 -0.36
CA LEU A 129 11.77 1.98 -0.47
C LEU A 129 11.70 2.98 -1.62
N GLY A 130 11.30 2.52 -2.79
CA GLY A 130 11.25 3.36 -3.97
C GLY A 130 10.22 4.47 -3.79
N ALA A 131 9.10 4.14 -3.18
CA ALA A 131 8.06 5.12 -2.91
C ALA A 131 8.48 6.19 -1.90
N ALA A 132 9.21 5.80 -0.85
CA ALA A 132 9.77 6.78 0.09
C ALA A 132 10.81 7.67 -0.59
N ALA A 133 11.72 7.07 -1.35
CA ALA A 133 12.72 7.81 -2.12
C ALA A 133 12.10 8.88 -3.02
N ASP A 134 11.12 8.46 -3.81
CA ASP A 134 10.34 9.35 -4.68
C ASP A 134 9.56 10.44 -3.93
N MET A 135 9.01 10.12 -2.76
CA MET A 135 8.23 11.12 -2.01
C MET A 135 9.14 12.22 -1.48
N ILE A 136 10.30 11.81 -0.99
CA ILE A 136 11.27 12.73 -0.41
C ILE A 136 11.88 13.64 -1.48
N ARG A 137 12.29 13.04 -2.61
CA ARG A 137 12.88 13.80 -3.73
C ARG A 137 11.86 14.77 -4.27
N GLY A 138 10.59 14.37 -4.20
CA GLY A 138 9.47 15.17 -4.70
C GLY A 138 9.12 16.30 -3.75
N GLY A 139 9.68 16.26 -2.53
CA GLY A 139 9.43 17.27 -1.52
C GLY A 139 8.23 17.03 -0.63
N GLY A 140 7.63 15.84 -0.72
CA GLY A 140 6.47 15.48 0.12
C GLY A 140 6.88 15.11 1.55
N ALA A 141 8.17 14.90 1.75
CA ALA A 141 8.75 14.53 3.05
C ALA A 141 10.24 14.81 2.98
N ALA A 142 10.90 14.87 4.12
CA ALA A 142 12.36 14.99 4.15
C ALA A 142 13.05 13.73 4.68
N THR A 143 12.41 13.10 5.65
CA THR A 143 12.93 11.89 6.29
C THR A 143 11.77 10.95 6.58
N MET A 144 11.94 9.67 6.25
CA MET A 144 10.88 8.69 6.43
C MET A 144 11.38 7.39 7.02
N LEU A 145 10.44 6.64 7.59
CA LEU A 145 10.70 5.27 7.96
C LEU A 145 10.01 4.37 6.96
N VAL A 146 10.72 3.32 6.57
CA VAL A 146 10.16 2.25 5.76
C VAL A 146 10.41 0.95 6.52
N VAL A 147 9.35 0.24 6.86
CA VAL A 147 9.48 -0.96 7.66
C VAL A 147 8.74 -2.14 7.04
N GLY A 148 9.48 -3.22 6.84
CA GLY A 148 8.92 -4.51 6.47
C GLY A 148 8.69 -5.34 7.71
N THR A 149 7.48 -5.87 7.84
CA THR A 149 7.12 -6.62 9.04
C THR A 149 6.21 -7.80 8.73
N GLU A 150 6.48 -8.91 9.38
CA GLU A 150 5.74 -10.12 9.06
C GLU A 150 5.52 -11.01 10.28
N LYS A 151 4.27 -11.38 10.52
CA LYS A 151 3.94 -12.48 11.42
C LYS A 151 3.26 -13.58 10.61
N LEU A 152 4.08 -14.46 10.04
CA LEU A 152 3.61 -15.47 9.10
C LEU A 152 3.24 -16.77 9.81
N SER A 153 3.84 -16.98 10.98
CA SER A 153 3.63 -18.19 11.76
C SER A 153 2.17 -18.68 11.85
N PRO A 154 1.19 -17.77 12.12
CA PRO A 154 -0.20 -18.25 12.22
C PRO A 154 -0.86 -18.65 10.89
N THR A 155 -0.21 -18.34 9.77
CA THR A 155 -0.78 -18.61 8.45
C THR A 155 -0.37 -19.97 7.86
N ILE A 156 0.46 -20.68 8.61
CA ILE A 156 1.08 -21.94 8.18
C ILE A 156 0.28 -23.18 8.56
N ASP A 157 -0.04 -23.98 7.56
CA ASP A 157 -0.62 -25.30 7.75
C ASP A 157 0.50 -26.25 8.15
N MET A 158 0.49 -26.72 9.40
CA MET A 158 1.55 -27.62 9.89
C MET A 158 1.55 -29.01 9.26
N TYR A 159 0.49 -29.32 8.53
CA TYR A 159 0.39 -30.58 7.81
C TYR A 159 0.89 -30.44 6.36
N ASP A 160 1.22 -29.22 5.93
CA ASP A 160 1.68 -28.98 4.56
C ASP A 160 3.20 -28.95 4.47
N ARG A 161 3.78 -30.11 4.20
CA ARG A 161 5.22 -30.28 4.07
C ARG A 161 5.80 -29.49 2.89
N GLY A 162 4.92 -29.03 2.01
CA GLY A 162 5.32 -28.22 0.87
C GLY A 162 5.90 -26.86 1.23
N ASN A 163 5.42 -26.26 2.33
CA ASN A 163 5.82 -24.92 2.70
C ASN A 163 5.94 -24.67 4.20
N CYS A 164 5.60 -25.67 5.01
CA CYS A 164 5.54 -25.48 6.46
C CYS A 164 6.87 -25.01 7.05
N PHE A 165 7.97 -25.35 6.39
CA PHE A 165 9.30 -25.04 6.88
C PHE A 165 9.85 -23.71 6.33
N ILE A 166 9.09 -23.11 5.40
CA ILE A 166 9.56 -21.92 4.68
C ILE A 166 9.43 -20.61 5.48
N PHE A 167 8.20 -20.23 5.83
CA PHE A 167 7.90 -18.89 6.34
C PHE A 167 8.22 -18.67 7.83
N ALA A 168 8.44 -17.40 8.20
CA ALA A 168 8.80 -17.04 9.57
C ALA A 168 8.42 -15.60 9.94
N ASP A 169 8.80 -15.21 11.15
CA ASP A 169 8.38 -13.93 11.77
C ASP A 169 9.57 -13.00 12.03
N GLY A 170 9.28 -11.70 11.98
CA GLY A 170 10.27 -10.64 12.25
C GLY A 170 9.94 -9.33 11.58
N ALA A 171 10.76 -8.31 11.84
CA ALA A 171 10.61 -6.98 11.24
C ALA A 171 11.91 -6.19 11.14
N ALA A 172 12.02 -5.40 10.09
CA ALA A 172 13.19 -4.54 9.90
C ALA A 172 12.86 -3.23 9.23
N ALA A 173 13.45 -2.15 9.76
CA ALA A 173 13.19 -0.80 9.28
C ALA A 173 14.47 -0.09 8.85
N VAL A 174 14.33 0.73 7.83
CA VAL A 174 15.37 1.64 7.38
C VAL A 174 14.90 3.08 7.57
N VAL A 175 15.83 3.95 7.95
CA VAL A 175 15.60 5.40 7.86
C VAL A 175 16.11 5.87 6.50
N VAL A 176 15.28 6.65 5.83
CA VAL A 176 15.57 7.16 4.49
C VAL A 176 15.53 8.67 4.60
N GLY A 177 16.55 9.34 4.09
CA GLY A 177 16.60 10.81 4.18
C GLY A 177 17.73 11.37 3.33
N GLU A 178 17.95 12.69 3.44
CA GLU A 178 18.99 13.34 2.62
C GLU A 178 20.39 12.84 2.97
N THR A 179 21.14 12.46 1.94
CA THR A 179 22.54 12.03 2.07
C THR A 179 23.41 12.97 1.22
N PRO A 180 24.75 13.02 1.48
CA PRO A 180 25.60 13.88 0.65
C PRO A 180 25.66 13.44 -0.82
N PHE A 181 25.49 12.14 -1.07
CA PHE A 181 25.51 11.57 -2.41
C PHE A 181 24.40 10.54 -2.55
N GLN A 182 23.98 10.28 -3.79
CA GLN A 182 22.90 9.33 -4.04
C GLN A 182 23.16 7.97 -3.36
N GLY A 183 22.22 7.57 -2.50
CA GLY A 183 22.31 6.30 -1.80
C GLY A 183 21.34 5.23 -2.27
N ILE A 184 20.30 5.62 -3.02
CA ILE A 184 19.25 4.69 -3.49
C ILE A 184 19.05 4.84 -4.99
N GLY A 185 19.37 3.78 -5.74
CA GLY A 185 19.29 3.82 -7.19
C GLY A 185 17.83 3.73 -7.64
N PRO A 186 17.61 3.84 -8.96
CA PRO A 186 16.26 3.71 -9.50
C PRO A 186 15.67 2.32 -9.29
N THR A 187 14.36 2.30 -9.06
CA THR A 187 13.63 1.08 -8.80
C THR A 187 13.33 0.38 -10.11
N VAL A 188 13.68 -0.90 -10.17
CA VAL A 188 13.29 -1.79 -11.26
C VAL A 188 12.25 -2.76 -10.72
N ALA A 189 11.04 -2.70 -11.26
CA ALA A 189 9.98 -3.50 -10.69
C ALA A 189 9.04 -4.02 -11.76
N GLY A 190 8.21 -4.98 -11.39
CA GLY A 190 7.27 -5.55 -12.33
C GLY A 190 6.52 -6.69 -11.68
N SER A 191 5.65 -7.33 -12.46
CA SER A 191 4.86 -8.42 -11.92
C SER A 191 4.58 -9.50 -12.94
N ASP A 192 3.99 -10.60 -12.48
CA ASP A 192 3.39 -11.57 -13.40
C ASP A 192 2.06 -12.04 -12.85
N GLY A 193 1.05 -11.22 -13.09
CA GLY A 193 -0.29 -11.44 -12.57
C GLY A 193 -0.97 -12.69 -13.07
N GLU A 194 -0.43 -13.30 -14.12
CA GLU A 194 -0.96 -14.53 -14.66
C GLU A 194 -0.59 -15.71 -13.80
N GLN A 195 0.40 -15.51 -12.94
CA GLN A 195 0.79 -16.53 -11.99
C GLN A 195 0.45 -16.16 -10.55
N ALA A 196 -0.61 -15.38 -10.38
CA ALA A 196 -1.07 -14.94 -9.05
C ALA A 196 -1.34 -16.10 -8.09
N ASP A 197 -1.73 -17.25 -8.63
CA ASP A 197 -2.06 -18.43 -7.79
C ASP A 197 -0.83 -19.15 -7.22
N ALA A 198 0.34 -18.85 -7.76
CA ALA A 198 1.57 -19.55 -7.40
C ALA A 198 1.93 -19.44 -5.91
N ILE A 199 1.63 -18.29 -5.30
CA ILE A 199 1.75 -18.14 -3.85
C ILE A 199 0.50 -17.38 -3.41
N ARG A 200 -0.27 -17.98 -2.50
CA ARG A 200 -1.58 -17.45 -2.15
C ARG A 200 -2.09 -17.88 -0.77
N GLN A 201 -2.98 -17.05 -0.22
CA GLN A 201 -3.94 -17.50 0.77
C GLN A 201 -5.02 -18.26 -0.01
N ASP A 202 -5.35 -19.45 0.44
CA ASP A 202 -6.17 -20.36 -0.39
C ASP A 202 -7.67 -20.06 -0.38
N ILE A 203 -8.17 -19.51 0.73
CA ILE A 203 -9.58 -19.15 0.90
C ILE A 203 -9.60 -17.70 1.37
N ASP A 204 -10.34 -16.85 0.67
CA ASP A 204 -10.53 -15.47 1.14
C ASP A 204 -11.31 -15.41 2.45
N TRP A 205 -11.02 -14.41 3.26
CA TRP A 205 -11.53 -14.30 4.63
C TRP A 205 -13.05 -14.23 4.75
N ILE A 206 -13.69 -13.56 3.78
CA ILE A 206 -15.12 -13.38 3.79
C ILE A 206 -15.82 -14.69 3.47
N THR A 207 -15.34 -15.41 2.47
CA THR A 207 -15.90 -16.72 2.17
C THR A 207 -15.83 -17.62 3.41
N PHE A 208 -14.67 -17.58 4.08
CA PHE A 208 -14.44 -18.29 5.32
C PHE A 208 -15.39 -17.86 6.45
N ALA A 209 -15.47 -16.56 6.73
CA ALA A 209 -16.37 -16.06 7.76
C ALA A 209 -17.82 -16.41 7.48
N GLN A 210 -18.19 -16.47 6.20
CA GLN A 210 -19.56 -16.83 5.80
C GLN A 210 -19.84 -18.32 5.85
N ASN A 211 -18.77 -19.12 5.91
CA ASN A 211 -18.90 -20.57 6.05
C ASN A 211 -17.94 -21.13 7.08
N PRO A 212 -18.16 -20.83 8.38
CA PRO A 212 -17.21 -21.29 9.40
C PRO A 212 -17.10 -22.82 9.58
N SER A 213 -18.02 -23.60 9.02
CA SER A 213 -17.91 -25.05 9.13
C SER A 213 -16.91 -25.63 8.12
N GLY A 214 -16.41 -24.77 7.23
CA GLY A 214 -15.43 -25.19 6.24
C GLY A 214 -14.04 -25.09 6.84
N PRO A 215 -13.01 -25.35 6.00
CA PRO A 215 -11.62 -25.13 6.39
C PRO A 215 -11.28 -23.66 6.61
N ARG A 216 -10.34 -23.40 7.50
CA ARG A 216 -9.79 -22.06 7.64
C ARG A 216 -8.70 -21.83 6.57
N PRO A 217 -8.40 -20.56 6.24
CA PRO A 217 -7.37 -20.25 5.24
C PRO A 217 -5.95 -20.46 5.76
N PHE A 218 -5.05 -20.82 4.85
CA PHE A 218 -3.62 -21.00 5.12
C PHE A 218 -2.80 -20.59 3.90
N VAL A 219 -1.50 -20.38 4.07
CA VAL A 219 -0.64 -20.13 2.92
C VAL A 219 -0.41 -21.40 2.06
N ARG A 220 -0.53 -21.24 0.74
CA ARG A 220 -0.26 -22.30 -0.22
C ARG A 220 0.74 -21.83 -1.26
N LEU A 221 1.62 -22.75 -1.67
CA LEU A 221 2.73 -22.42 -2.55
C LEU A 221 2.78 -23.45 -3.68
N GLU A 222 3.12 -23.00 -4.88
CA GLU A 222 3.30 -23.91 -6.01
C GLU A 222 4.78 -23.88 -6.34
N GLY A 223 5.50 -24.87 -5.83
CA GLY A 223 6.96 -24.87 -5.79
C GLY A 223 7.66 -24.77 -7.13
N PRO A 224 7.38 -25.72 -8.04
CA PRO A 224 8.11 -25.68 -9.30
C PRO A 224 7.93 -24.37 -10.05
N ALA A 225 6.71 -23.83 -10.03
CA ALA A 225 6.41 -22.61 -10.79
C ALA A 225 7.14 -21.41 -10.18
N VAL A 226 7.14 -21.31 -8.86
CA VAL A 226 7.86 -20.25 -8.18
C VAL A 226 9.37 -20.34 -8.47
N PHE A 227 9.93 -21.53 -8.26
CA PHE A 227 11.36 -21.73 -8.42
C PHE A 227 11.81 -21.35 -9.82
N ARG A 228 11.08 -21.87 -10.80
CA ARG A 228 11.31 -21.61 -12.22
C ARG A 228 11.38 -20.11 -12.53
N TRP A 229 10.33 -19.40 -12.13
CA TRP A 229 10.21 -17.96 -12.36
C TRP A 229 11.36 -17.18 -11.73
N ALA A 230 11.57 -17.37 -10.43
CA ALA A 230 12.62 -16.64 -9.72
C ALA A 230 13.97 -16.89 -10.34
N ALA A 231 14.43 -18.13 -10.23
CA ALA A 231 15.76 -18.54 -10.68
C ALA A 231 16.13 -18.06 -12.09
N PHE A 232 15.14 -17.94 -12.97
CA PHE A 232 15.41 -17.63 -14.40
C PHE A 232 15.10 -16.20 -14.85
N LYS A 233 14.35 -15.46 -14.05
CA LYS A 233 14.01 -14.08 -14.41
C LYS A 233 14.67 -13.05 -13.51
N MET A 234 15.12 -13.48 -12.34
CA MET A 234 15.62 -12.50 -11.39
C MET A 234 17.01 -11.91 -11.72
N GLY A 235 17.79 -12.66 -12.49
CA GLY A 235 19.09 -12.17 -12.97
C GLY A 235 18.95 -10.99 -13.91
N ASP A 236 18.00 -11.07 -14.84
N ASP A 236 18.01 -11.09 -14.84
CA ASP A 236 17.71 -9.96 -15.74
CA ASP A 236 17.66 -10.00 -15.75
C ASP A 236 17.17 -8.73 -15.01
C ASP A 236 17.25 -8.76 -14.95
N VAL A 237 16.42 -8.97 -13.94
CA VAL A 237 15.93 -7.89 -13.09
C VAL A 237 17.11 -7.21 -12.38
N GLY A 238 17.99 -8.02 -11.79
CA GLY A 238 19.22 -7.53 -11.16
C GLY A 238 20.09 -6.69 -12.08
N ARG A 239 20.24 -7.14 -13.32
CA ARG A 239 21.00 -6.39 -14.33
C ARG A 239 20.39 -5.03 -14.64
N ARG A 240 19.06 -4.99 -14.76
CA ARG A 240 18.36 -3.72 -14.96
C ARG A 240 18.54 -2.76 -13.80
N ALA A 241 18.53 -3.30 -12.59
CA ALA A 241 18.78 -2.50 -11.39
C ALA A 241 20.19 -1.93 -11.38
N MET A 242 21.16 -2.73 -11.78
CA MET A 242 22.55 -2.27 -11.86
C MET A 242 22.78 -1.21 -12.96
N ASP A 243 22.21 -1.46 -14.14
CA ASP A 243 22.22 -0.49 -15.25
C ASP A 243 21.62 0.83 -14.82
N ALA A 244 20.41 0.79 -14.27
CA ALA A 244 19.68 1.98 -13.87
C ALA A 244 20.48 2.80 -12.86
N ALA A 245 21.18 2.11 -11.96
CA ALA A 245 21.99 2.77 -10.95
C ALA A 245 23.32 3.24 -11.52
N GLY A 246 23.62 2.84 -12.75
CA GLY A 246 24.89 3.17 -13.37
C GLY A 246 26.08 2.43 -12.78
N VAL A 247 25.83 1.27 -12.21
CA VAL A 247 26.90 0.46 -11.62
C VAL A 247 27.09 -0.84 -12.39
N ARG A 248 28.33 -1.33 -12.40
CA ARG A 248 28.71 -2.60 -13.00
C ARG A 248 28.57 -3.76 -11.99
N PRO A 249 28.22 -4.97 -12.48
CA PRO A 249 28.17 -6.17 -11.65
C PRO A 249 29.39 -6.34 -10.73
N ASP A 250 30.58 -6.03 -11.24
CA ASP A 250 31.82 -6.18 -10.45
C ASP A 250 32.02 -5.10 -9.39
N GLN A 251 31.12 -4.12 -9.36
CA GLN A 251 31.21 -3.08 -8.34
C GLN A 251 30.37 -3.41 -7.11
N ILE A 252 29.55 -4.44 -7.22
CA ILE A 252 28.60 -4.82 -6.17
C ILE A 252 29.37 -5.55 -5.06
N ASP A 253 29.29 -5.02 -3.85
CA ASP A 253 29.95 -5.66 -2.69
C ASP A 253 29.02 -6.65 -2.02
N VAL A 254 27.73 -6.32 -2.00
CA VAL A 254 26.75 -7.13 -1.28
C VAL A 254 25.54 -7.40 -2.15
N PHE A 255 25.09 -8.64 -2.14
CA PHE A 255 23.90 -9.04 -2.87
C PHE A 255 22.88 -9.53 -1.86
N VAL A 256 21.70 -8.92 -1.88
CA VAL A 256 20.62 -9.32 -0.97
C VAL A 256 19.38 -9.77 -1.75
N PRO A 257 19.41 -11.02 -2.24
CA PRO A 257 18.21 -11.55 -2.85
C PRO A 257 17.19 -11.85 -1.77
N HIS A 258 15.93 -11.89 -2.15
CA HIS A 258 14.94 -12.29 -1.20
C HIS A 258 15.31 -13.68 -0.66
N GLN A 259 15.24 -13.81 0.65
CA GLN A 259 15.59 -15.04 1.36
C GLN A 259 14.43 -16.00 1.28
N PHE A 260 14.19 -16.50 0.06
CA PHE A 260 13.06 -17.36 -0.23
C PHE A 260 13.48 -18.82 -0.26
N ASN A 261 14.60 -19.08 -0.91
CA ASN A 261 15.18 -20.41 -1.06
C ASN A 261 16.65 -20.28 -1.44
N SER A 262 17.52 -21.03 -0.75
CA SER A 262 18.97 -20.97 -0.96
C SER A 262 19.45 -21.34 -2.36
N ARG A 263 18.78 -22.32 -2.98
CA ARG A 263 19.19 -22.82 -4.30
C ARG A 263 18.80 -21.87 -5.42
N ILE A 264 17.63 -21.23 -5.30
CA ILE A 264 17.28 -20.12 -6.21
C ILE A 264 18.37 -19.06 -6.15
N ASN A 265 18.71 -18.64 -4.94
CA ASN A 265 19.68 -17.56 -4.70
C ASN A 265 21.08 -17.89 -5.16
N GLU A 266 21.43 -19.18 -5.09
CA GLU A 266 22.72 -19.67 -5.57
C GLU A 266 22.78 -19.55 -7.09
N LEU A 267 21.70 -19.92 -7.75
CA LEU A 267 21.62 -19.79 -9.22
C LEU A 267 21.69 -18.34 -9.69
N LEU A 268 21.00 -17.45 -8.97
CA LEU A 268 21.03 -16.02 -9.29
C LEU A 268 22.44 -15.45 -9.24
N VAL A 269 23.15 -15.73 -8.16
CA VAL A 269 24.54 -15.29 -8.00
C VAL A 269 25.42 -15.57 -9.23
N LYS A 270 25.29 -16.78 -9.79
CA LYS A 270 26.10 -17.22 -10.93
C LYS A 270 25.68 -16.52 -12.21
N ASN A 271 24.37 -16.34 -12.36
CA ASN A 271 23.81 -15.64 -13.49
C ASN A 271 24.21 -14.17 -13.50
N LEU A 272 24.30 -13.56 -12.32
CA LEU A 272 24.55 -12.12 -12.18
C LEU A 272 26.00 -11.68 -12.43
N GLN A 273 26.92 -12.63 -12.36
CA GLN A 273 28.35 -12.43 -12.66
C GLN A 273 29.04 -11.46 -11.70
N LEU A 274 28.74 -11.61 -10.42
CA LEU A 274 29.28 -10.75 -9.40
C LEU A 274 30.69 -11.19 -9.06
N ARG A 275 31.45 -10.35 -8.37
CA ARG A 275 32.81 -10.70 -7.97
C ARG A 275 32.78 -11.96 -7.11
N PRO A 276 33.86 -12.76 -7.11
CA PRO A 276 33.88 -13.91 -6.22
C PRO A 276 33.71 -13.53 -4.75
N ASP A 277 34.14 -12.33 -4.39
CA ASP A 277 34.10 -11.90 -3.00
C ASP A 277 32.84 -11.12 -2.63
N ALA A 278 31.92 -11.00 -3.59
CA ALA A 278 30.63 -10.38 -3.33
C ALA A 278 29.92 -11.18 -2.24
N VAL A 279 29.46 -10.48 -1.21
CA VAL A 279 28.78 -11.13 -0.07
C VAL A 279 27.32 -11.36 -0.40
N VAL A 280 26.87 -12.60 -0.30
CA VAL A 280 25.50 -12.93 -0.63
C VAL A 280 24.74 -13.25 0.65
N ALA A 281 23.66 -12.52 0.90
CA ALA A 281 22.84 -12.71 2.09
C ALA A 281 22.36 -14.15 2.22
N ASN A 282 22.66 -14.73 3.39
CA ASN A 282 22.19 -16.08 3.74
C ASN A 282 21.48 -16.09 5.09
N ASP A 283 20.74 -15.02 5.38
CA ASP A 283 19.97 -14.90 6.61
C ASP A 283 18.93 -16.03 6.72
N ILE A 284 18.51 -16.57 5.57
CA ILE A 284 17.46 -17.61 5.52
C ILE A 284 17.70 -18.79 6.48
N GLU A 285 18.97 -19.09 6.75
CA GLU A 285 19.35 -20.29 7.49
C GLU A 285 18.82 -20.34 8.92
N HIS A 286 18.73 -19.17 9.55
CA HIS A 286 18.25 -19.06 10.93
C HIS A 286 17.16 -17.99 11.08
N THR A 287 16.69 -17.48 9.94
CA THR A 287 15.59 -16.54 9.91
C THR A 287 14.45 -17.07 9.04
N GLY A 288 14.75 -18.01 8.16
CA GLY A 288 13.74 -18.50 7.22
C GLY A 288 13.27 -17.41 6.28
N ASN A 289 12.11 -17.62 5.65
CA ASN A 289 11.54 -16.63 4.76
C ASN A 289 10.60 -15.70 5.51
N THR A 290 11.01 -14.44 5.67
CA THR A 290 10.18 -13.47 6.37
C THR A 290 9.49 -12.49 5.41
N SER A 291 9.21 -12.94 4.19
N SER A 291 9.22 -12.94 4.18
CA SER A 291 8.50 -12.15 3.18
CA SER A 291 8.52 -12.15 3.18
C SER A 291 8.99 -10.69 3.13
C SER A 291 8.99 -10.69 3.13
N ALA A 292 8.06 -9.74 3.27
CA ALA A 292 8.39 -8.30 3.19
C ALA A 292 9.53 -7.83 4.11
N ALA A 293 9.76 -8.52 5.22
CA ALA A 293 10.79 -8.15 6.18
C ALA A 293 12.18 -8.66 5.80
N SER A 294 12.22 -9.55 4.81
CA SER A 294 13.40 -10.36 4.48
C SER A 294 14.66 -9.58 4.11
N ILE A 295 14.54 -8.63 3.18
CA ILE A 295 15.69 -7.91 2.67
C ILE A 295 16.32 -7.01 3.74
N PRO A 296 15.52 -6.15 4.40
CA PRO A 296 16.13 -5.34 5.46
C PRO A 296 16.60 -6.12 6.68
N LEU A 297 16.00 -7.28 6.97
CA LEU A 297 16.53 -8.17 8.02
C LEU A 297 17.88 -8.75 7.62
N ALA A 298 18.01 -9.08 6.34
CA ALA A 298 19.26 -9.60 5.82
C ALA A 298 20.35 -8.51 5.80
N MET A 299 19.99 -7.28 5.49
CA MET A 299 20.95 -6.16 5.51
C MET A 299 21.48 -5.92 6.92
N ALA A 300 20.56 -5.89 7.88
CA ALA A 300 20.92 -5.72 9.28
C ALA A 300 21.84 -6.85 9.72
N GLU A 301 21.48 -8.09 9.39
CA GLU A 301 22.26 -9.28 9.75
C GLU A 301 23.70 -9.21 9.20
N LEU A 302 23.84 -8.82 7.94
CA LEU A 302 25.16 -8.67 7.33
C LEU A 302 26.00 -7.60 8.01
N LEU A 303 25.37 -6.51 8.42
CA LEU A 303 26.09 -5.44 9.08
C LEU A 303 26.48 -5.81 10.49
N THR A 304 25.60 -6.54 11.16
CA THR A 304 25.84 -6.99 12.54
C THR A 304 27.07 -7.89 12.59
N THR A 305 27.13 -8.86 11.67
CA THR A 305 28.16 -9.90 11.69
C THR A 305 29.55 -9.41 11.22
N GLY A 306 29.58 -8.25 10.57
CA GLY A 306 30.81 -7.70 10.02
C GLY A 306 30.96 -7.99 8.54
N ALA A 307 30.04 -8.77 7.98
CA ALA A 307 30.11 -9.20 6.57
C ALA A 307 29.96 -8.02 5.60
N ALA A 308 29.11 -7.05 5.96
CA ALA A 308 28.98 -5.80 5.21
C ALA A 308 29.37 -4.63 6.09
N LYS A 309 29.75 -3.52 5.46
CA LYS A 309 30.14 -2.28 6.13
C LYS A 309 29.30 -1.14 5.56
N PRO A 310 29.02 -0.11 6.38
CA PRO A 310 28.34 1.06 5.84
C PRO A 310 29.04 1.57 4.58
N GLY A 311 28.26 1.94 3.57
CA GLY A 311 28.83 2.44 2.33
C GLY A 311 29.13 1.37 1.29
N ASP A 312 28.98 0.11 1.65
CA ASP A 312 29.12 -0.98 0.66
C ASP A 312 28.04 -0.84 -0.37
N LEU A 313 28.33 -1.27 -1.59
CA LEU A 313 27.35 -1.21 -2.64
C LEU A 313 26.55 -2.50 -2.63
N ALA A 314 25.25 -2.37 -2.39
CA ALA A 314 24.39 -3.52 -2.26
C ALA A 314 23.33 -3.55 -3.35
N LEU A 315 23.13 -4.73 -3.95
CA LEU A 315 22.05 -4.97 -4.89
C LEU A 315 20.96 -5.78 -4.20
N LEU A 316 19.76 -5.21 -4.16
CA LEU A 316 18.64 -5.82 -3.47
C LEU A 316 17.65 -6.28 -4.50
N ILE A 317 17.20 -7.53 -4.41
CA ILE A 317 16.17 -8.05 -5.30
C ILE A 317 15.08 -8.76 -4.52
N GLY A 318 13.88 -8.15 -4.49
CA GLY A 318 12.74 -8.78 -3.84
C GLY A 318 11.86 -9.47 -4.88
N TYR A 319 11.37 -10.65 -4.53
CA TYR A 319 10.53 -11.45 -5.43
C TYR A 319 9.60 -12.38 -4.65
N GLY A 320 8.40 -12.60 -5.16
CA GLY A 320 7.48 -13.51 -4.50
C GLY A 320 6.05 -13.35 -4.98
N ALA A 321 5.12 -13.44 -4.03
CA ALA A 321 3.68 -13.55 -4.28
C ALA A 321 3.10 -12.39 -5.07
N GLY A 322 1.99 -12.70 -5.76
CA GLY A 322 1.36 -11.81 -6.73
C GLY A 322 1.99 -12.20 -8.03
N LEU A 323 3.20 -12.74 -7.84
CA LEU A 323 4.32 -12.64 -8.73
C LEU A 323 4.61 -11.16 -8.93
N SER A 324 5.39 -10.62 -7.97
CA SER A 324 5.84 -9.25 -7.96
C SER A 324 7.31 -9.29 -7.65
N TYR A 325 8.06 -8.38 -8.27
CA TYR A 325 9.47 -8.20 -7.93
C TYR A 325 9.79 -6.72 -7.86
N ALA A 326 10.75 -6.36 -7.02
CA ALA A 326 11.23 -4.99 -6.95
C ALA A 326 12.69 -5.02 -6.57
N ALA A 327 13.51 -4.29 -7.33
CA ALA A 327 14.95 -4.33 -7.13
C ALA A 327 15.53 -2.94 -7.24
N GLN A 328 16.67 -2.74 -6.59
CA GLN A 328 17.40 -1.49 -6.66
C GLN A 328 18.81 -1.67 -6.08
N VAL A 329 19.72 -0.77 -6.45
CA VAL A 329 21.04 -0.72 -5.84
C VAL A 329 21.04 0.35 -4.76
N VAL A 330 21.62 0.02 -3.62
CA VAL A 330 21.72 0.98 -2.54
C VAL A 330 23.13 1.00 -1.96
N ARG A 331 23.43 2.05 -1.19
CA ARG A 331 24.61 2.04 -0.30
C ARG A 331 24.16 1.62 1.09
N MET A 332 24.92 0.70 1.69
CA MET A 332 24.59 0.16 3.00
C MET A 332 24.56 1.27 4.06
N PRO A 333 23.53 1.24 4.91
CA PRO A 333 23.33 2.24 5.95
C PRO A 333 24.11 1.99 7.22
N LYS A 334 23.54 2.47 8.34
CA LYS A 334 24.15 2.48 9.67
C LYS A 334 25.28 3.51 9.78
N MET B 1 34.50 5.65 -4.00
CA MET B 1 33.02 5.51 -3.97
C MET B 1 32.39 6.13 -5.21
N THR B 2 32.09 5.29 -6.20
CA THR B 2 31.37 5.70 -7.43
C THR B 2 29.92 6.04 -7.12
N GLU B 3 29.40 7.13 -7.68
CA GLU B 3 28.07 7.60 -7.29
C GLU B 3 26.92 6.93 -8.06
N ILE B 4 25.90 6.58 -7.31
CA ILE B 4 24.71 5.93 -7.84
C ILE B 4 23.93 6.91 -8.72
N ALA B 5 23.55 6.47 -9.93
CA ALA B 5 22.76 7.27 -10.87
C ALA B 5 21.35 7.59 -10.37
N THR B 6 20.78 8.67 -10.90
CA THR B 6 19.41 9.05 -10.60
C THR B 6 18.66 9.07 -11.91
N THR B 7 17.37 8.71 -11.87
CA THR B 7 16.53 8.94 -13.04
C THR B 7 15.55 10.12 -12.86
N SER B 8 14.93 10.54 -13.95
CA SER B 8 13.99 11.65 -13.91
C SER B 8 12.80 11.35 -14.80
N GLY B 9 11.64 11.84 -14.38
CA GLY B 9 10.40 11.67 -15.14
C GLY B 9 9.80 13.01 -15.48
N ALA B 10 8.50 13.01 -15.81
CA ALA B 10 7.72 14.21 -16.10
C ALA B 10 7.76 15.14 -14.92
N ARG B 11 7.77 16.44 -15.20
CA ARG B 11 7.68 17.45 -14.16
C ARG B 11 6.19 17.71 -13.92
N SER B 12 5.46 17.85 -15.02
CA SER B 12 4.03 18.21 -14.97
C SER B 12 3.16 16.98 -15.16
N VAL B 13 2.42 16.61 -14.11
CA VAL B 13 1.54 15.43 -14.19
C VAL B 13 0.09 15.77 -13.85
N GLY B 14 -0.83 15.03 -14.45
CA GLY B 14 -2.23 15.26 -14.19
C GLY B 14 -3.15 14.07 -14.39
N LEU B 15 -4.40 14.27 -13.98
CA LEU B 15 -5.46 13.29 -14.19
C LEU B 15 -5.91 13.42 -15.63
N LEU B 16 -5.56 12.43 -16.44
CA LEU B 16 -5.93 12.46 -17.85
C LEU B 16 -7.39 12.02 -18.03
N SER B 17 -7.82 11.06 -17.21
CA SER B 17 -9.20 10.59 -17.22
C SER B 17 -9.61 9.98 -15.89
N VAL B 18 -10.92 9.76 -15.76
CA VAL B 18 -11.50 8.95 -14.70
C VAL B 18 -12.44 7.92 -15.35
N GLY B 19 -12.50 6.73 -14.74
CA GLY B 19 -13.43 5.67 -15.17
C GLY B 19 -14.08 5.06 -13.95
N ALA B 20 -15.40 4.91 -13.99
CA ALA B 20 -16.20 4.54 -12.83
C ALA B 20 -16.97 3.26 -13.05
N TYR B 21 -16.83 2.31 -12.13
CA TYR B 21 -17.70 1.14 -12.13
C TYR B 21 -18.56 1.03 -10.88
N ARG B 22 -19.87 1.03 -11.10
CA ARG B 22 -20.88 0.90 -10.05
C ARG B 22 -21.68 -0.39 -10.29
N PRO B 23 -21.65 -1.32 -9.32
CA PRO B 23 -22.41 -2.56 -9.48
C PRO B 23 -23.91 -2.28 -9.55
N GLU B 24 -24.65 -3.17 -10.21
CA GLU B 24 -26.02 -2.87 -10.61
C GLU B 24 -27.07 -3.00 -9.50
N ARG B 25 -26.74 -3.75 -8.45
N ARG B 25 -26.74 -3.73 -8.44
CA ARG B 25 -27.66 -3.96 -7.33
CA ARG B 25 -27.67 -3.97 -7.33
C ARG B 25 -27.82 -2.67 -6.53
C ARG B 25 -27.84 -2.74 -6.47
N VAL B 26 -29.03 -2.12 -6.56
CA VAL B 26 -29.36 -0.93 -5.79
C VAL B 26 -29.97 -1.33 -4.46
N VAL B 27 -29.46 -0.73 -3.38
CA VAL B 27 -29.82 -1.12 -2.03
C VAL B 27 -30.32 0.11 -1.32
N THR B 28 -31.54 0.02 -0.80
CA THR B 28 -32.19 1.10 -0.05
C THR B 28 -31.85 0.97 1.43
N ASN B 29 -32.03 2.07 2.17
CA ASN B 29 -31.76 2.13 3.62
C ASN B 29 -32.46 1.05 4.46
N ASP B 30 -33.73 0.79 4.11
CA ASP B 30 -34.56 -0.30 4.65
C ASP B 30 -33.86 -1.67 4.66
N GLU B 31 -33.19 -1.98 3.56
CA GLU B 31 -32.68 -3.32 3.33
C GLU B 31 -31.40 -3.57 4.11
N ILE B 32 -30.54 -2.57 4.18
CA ILE B 32 -29.23 -2.73 4.85
C ILE B 32 -29.27 -2.50 6.38
N CYS B 33 -30.30 -1.81 6.85
CA CYS B 33 -30.45 -1.55 8.27
C CYS B 33 -31.67 -2.24 8.85
N GLN B 34 -31.43 -3.15 9.79
CA GLN B 34 -32.48 -3.87 10.51
C GLN B 34 -33.40 -2.91 11.27
N HIS B 35 -32.80 -1.94 11.97
CA HIS B 35 -33.53 -1.02 12.84
C HIS B 35 -34.50 -0.05 12.14
N ILE B 36 -34.31 0.17 10.83
CA ILE B 36 -35.15 1.10 10.07
C ILE B 36 -36.21 0.37 9.21
N ASP B 37 -37.40 0.98 9.14
CA ASP B 37 -38.50 0.48 8.32
C ASP B 37 -38.54 1.20 6.98
N GLU B 41 -36.32 7.69 6.79
CA GLU B 41 -36.09 8.97 6.15
C GLU B 41 -35.13 9.84 6.97
N TRP B 42 -34.92 9.46 8.23
CA TRP B 42 -33.99 10.16 9.11
C TRP B 42 -32.54 9.83 8.77
N ILE B 43 -32.28 8.60 8.34
CA ILE B 43 -30.97 8.22 7.84
C ILE B 43 -30.55 9.17 6.73
N TYR B 44 -31.47 9.48 5.82
CA TYR B 44 -31.23 10.45 4.76
C TYR B 44 -30.93 11.86 5.30
N THR B 45 -31.76 12.32 6.25
CA THR B 45 -31.57 13.66 6.84
C THR B 45 -30.24 13.76 7.57
N ARG B 46 -29.91 12.72 8.34
CA ARG B 46 -28.69 12.70 9.17
C ARG B 46 -27.38 12.49 8.40
N THR B 47 -27.44 11.91 7.20
CA THR B 47 -26.20 11.53 6.49
C THR B 47 -26.15 11.96 5.02
N GLY B 48 -27.32 12.12 4.40
CA GLY B 48 -27.40 12.43 2.99
C GLY B 48 -27.51 11.21 2.09
N ILE B 49 -27.46 10.02 2.70
CA ILE B 49 -27.50 8.76 1.95
C ILE B 49 -28.93 8.28 1.73
N LYS B 50 -29.31 8.07 0.46
CA LYS B 50 -30.62 7.53 0.13
C LYS B 50 -30.50 6.07 -0.36
N THR B 51 -29.59 5.84 -1.29
CA THR B 51 -29.30 4.48 -1.77
C THR B 51 -27.81 4.25 -1.96
N ARG B 52 -27.44 3.01 -2.27
CA ARG B 52 -26.06 2.62 -2.56
C ARG B 52 -26.03 1.33 -3.38
N ARG B 53 -24.91 1.06 -4.03
CA ARG B 53 -24.77 -0.13 -4.87
C ARG B 53 -24.04 -1.24 -4.13
N PHE B 54 -24.49 -2.48 -4.35
CA PHE B 54 -23.83 -3.65 -3.79
C PHE B 54 -23.31 -4.53 -4.91
N ALA B 55 -22.06 -4.97 -4.79
CA ALA B 55 -21.51 -5.92 -5.74
C ALA B 55 -22.25 -7.26 -5.66
N ALA B 56 -22.20 -8.03 -6.75
CA ALA B 56 -22.69 -9.41 -6.77
C ALA B 56 -21.78 -10.31 -5.95
N ASP B 57 -22.31 -11.47 -5.56
CA ASP B 57 -21.55 -12.43 -4.74
C ASP B 57 -20.25 -12.88 -5.40
N ASP B 58 -20.29 -12.98 -6.73
CA ASP B 58 -19.17 -13.42 -7.54
C ASP B 58 -18.15 -12.31 -7.78
N GLU B 59 -18.56 -11.06 -7.61
CA GLU B 59 -17.67 -9.93 -7.84
C GLU B 59 -16.74 -9.72 -6.67
N SER B 60 -15.59 -9.09 -6.93
CA SER B 60 -14.59 -8.81 -5.92
C SER B 60 -14.08 -7.40 -6.10
N ALA B 61 -13.32 -6.92 -5.12
CA ALA B 61 -12.66 -5.63 -5.23
C ALA B 61 -11.74 -5.62 -6.46
N ALA B 62 -11.06 -6.74 -6.71
CA ALA B 62 -10.17 -6.87 -7.85
C ALA B 62 -10.93 -6.83 -9.17
N SER B 63 -12.04 -7.57 -9.25
CA SER B 63 -12.83 -7.65 -10.49
C SER B 63 -13.43 -6.30 -10.90
N MET B 64 -13.90 -5.55 -9.90
CA MET B 64 -14.42 -4.20 -10.11
C MET B 64 -13.33 -3.20 -10.49
N ALA B 65 -12.12 -3.37 -9.94
CA ALA B 65 -11.00 -2.53 -10.31
C ALA B 65 -10.67 -2.65 -11.79
N THR B 66 -10.62 -3.88 -12.29
CA THR B 66 -10.38 -4.13 -13.70
C THR B 66 -11.40 -3.36 -14.55
N GLU B 67 -12.68 -3.48 -14.18
CA GLU B 67 -13.73 -2.81 -14.94
C GLU B 67 -13.56 -1.28 -14.97
N ALA B 68 -13.35 -0.68 -13.79
CA ALA B 68 -13.03 0.75 -13.67
C ALA B 68 -11.79 1.17 -14.49
N CYS B 69 -10.76 0.32 -14.50
CA CYS B 69 -9.56 0.57 -15.32
C CYS B 69 -9.80 0.60 -16.81
N ARG B 70 -10.54 -0.38 -17.33
CA ARG B 70 -10.97 -0.39 -18.72
C ARG B 70 -11.65 0.93 -19.12
N ARG B 71 -12.62 1.34 -18.30
CA ARG B 71 -13.35 2.58 -18.55
C ARG B 71 -12.46 3.82 -18.47
N ALA B 72 -11.52 3.85 -17.53
CA ALA B 72 -10.59 4.97 -17.40
C ALA B 72 -9.75 5.11 -18.65
N LEU B 73 -9.28 3.98 -19.18
CA LEU B 73 -8.46 3.95 -20.38
C LEU B 73 -9.25 4.45 -21.58
N SER B 74 -10.45 3.92 -21.76
CA SER B 74 -11.31 4.36 -22.86
C SER B 74 -11.64 5.85 -22.78
N ASN B 75 -11.85 6.33 -21.56
CA ASN B 75 -12.11 7.76 -21.33
C ASN B 75 -10.92 8.67 -21.60
N ALA B 76 -9.71 8.12 -21.55
CA ALA B 76 -8.50 8.87 -21.90
C ALA B 76 -8.11 8.68 -23.37
N GLY B 77 -8.84 7.84 -24.09
CA GLY B 77 -8.47 7.46 -25.44
C GLY B 77 -7.14 6.71 -25.51
N LEU B 78 -6.86 5.94 -24.46
CA LEU B 78 -5.61 5.19 -24.36
C LEU B 78 -5.89 3.71 -24.30
N SER B 79 -4.83 2.90 -24.33
CA SER B 79 -4.93 1.45 -24.20
C SER B 79 -4.02 0.98 -23.06
N ALA B 80 -4.08 -0.32 -22.78
CA ALA B 80 -3.18 -0.95 -21.80
C ALA B 80 -1.70 -0.74 -22.16
N ALA B 81 -1.42 -0.60 -23.46
CA ALA B 81 -0.06 -0.37 -23.96
C ALA B 81 0.57 0.90 -23.41
N ASP B 82 -0.29 1.81 -22.98
CA ASP B 82 0.14 3.13 -22.57
C ASP B 82 0.46 3.22 -21.09
N ILE B 83 0.26 2.13 -20.35
CA ILE B 83 0.34 2.14 -18.87
C ILE B 83 1.60 1.41 -18.43
N ASP B 84 2.36 2.02 -17.52
CA ASP B 84 3.63 1.47 -17.05
C ASP B 84 3.56 1.06 -15.58
N GLY B 85 2.39 1.23 -14.97
CA GLY B 85 2.22 1.01 -13.53
C GLY B 85 0.79 1.11 -13.06
N VAL B 86 0.45 0.34 -12.03
CA VAL B 86 -0.89 0.35 -11.45
C VAL B 86 -0.82 0.26 -9.93
N ILE B 87 -1.45 1.23 -9.27
CA ILE B 87 -1.65 1.16 -7.83
C ILE B 87 -3.12 0.90 -7.56
N VAL B 88 -3.38 -0.20 -6.85
CA VAL B 88 -4.72 -0.51 -6.39
C VAL B 88 -4.81 -0.06 -4.96
N THR B 89 -5.82 0.75 -4.65
CA THR B 89 -6.07 1.14 -3.27
C THR B 89 -7.44 0.68 -2.78
N THR B 90 -7.42 -0.05 -1.67
CA THR B 90 -8.60 -0.78 -1.21
C THR B 90 -8.48 -1.11 0.29
N ASN B 91 -9.58 -1.55 0.90
CA ASN B 91 -9.58 -2.09 2.26
C ASN B 91 -10.31 -3.45 2.28
N THR B 92 -10.68 -3.93 1.10
CA THR B 92 -11.60 -5.07 0.99
C THR B 92 -11.16 -6.07 -0.08
N HIS B 93 -9.84 -6.17 -0.25
CA HIS B 93 -9.23 -7.29 -0.90
C HIS B 93 -9.00 -8.30 0.21
N PHE B 94 -9.81 -9.36 0.22
CA PHE B 94 -9.88 -10.27 1.37
C PHE B 94 -8.87 -11.42 1.33
N LEU B 95 -7.69 -11.16 0.78
CA LEU B 95 -6.56 -12.08 0.76
C LEU B 95 -5.35 -11.36 1.34
N GLN B 96 -4.64 -12.01 2.26
CA GLN B 96 -3.38 -11.48 2.78
C GLN B 96 -2.34 -11.39 1.66
N THR B 97 -2.35 -12.40 0.80
CA THR B 97 -1.61 -12.44 -0.46
C THR B 97 -2.36 -13.42 -1.38
N PRO B 98 -2.22 -13.28 -2.72
CA PRO B 98 -1.42 -12.30 -3.46
C PRO B 98 -2.10 -10.91 -3.51
N PRO B 99 -1.32 -9.82 -3.73
CA PRO B 99 -1.92 -8.50 -3.92
C PRO B 99 -2.81 -8.47 -5.16
N ALA B 100 -3.73 -7.49 -5.21
CA ALA B 100 -4.62 -7.33 -6.38
C ALA B 100 -3.98 -6.69 -7.62
N ALA B 101 -3.00 -5.79 -7.42
CA ALA B 101 -2.46 -5.00 -8.53
C ALA B 101 -1.94 -5.85 -9.70
N PRO B 102 -1.17 -6.92 -9.42
CA PRO B 102 -0.70 -7.73 -10.55
C PRO B 102 -1.82 -8.47 -11.29
N MET B 103 -2.86 -8.92 -10.58
CA MET B 103 -3.94 -9.64 -11.27
C MET B 103 -4.81 -8.67 -12.05
N VAL B 104 -4.92 -7.45 -11.54
CA VAL B 104 -5.55 -6.36 -12.29
C VAL B 104 -4.79 -6.06 -13.60
N ALA B 105 -3.49 -5.91 -13.50
CA ALA B 105 -2.64 -5.66 -14.65
C ALA B 105 -2.78 -6.75 -15.73
N ALA B 106 -2.75 -8.01 -15.30
CA ALA B 106 -2.95 -9.15 -16.22
C ALA B 106 -4.31 -9.03 -16.90
N SER B 107 -5.34 -8.75 -16.11
CA SER B 107 -6.71 -8.63 -16.61
C SER B 107 -6.85 -7.60 -17.72
N LEU B 108 -5.95 -6.62 -17.75
CA LEU B 108 -5.95 -5.59 -18.78
C LEU B 108 -4.97 -5.91 -19.92
N GLY B 109 -4.30 -7.06 -19.84
CA GLY B 109 -3.33 -7.45 -20.86
C GLY B 109 -1.97 -6.79 -20.68
N ALA B 110 -1.81 -6.09 -19.55
CA ALA B 110 -0.53 -5.46 -19.23
C ALA B 110 0.14 -6.27 -18.12
N LYS B 111 0.21 -7.58 -18.32
CA LYS B 111 1.02 -8.43 -17.47
C LYS B 111 2.46 -7.93 -17.67
N GLY B 112 3.22 -7.95 -16.58
CA GLY B 112 4.60 -7.49 -16.62
C GLY B 112 4.79 -6.18 -15.92
N ILE B 113 3.78 -5.31 -15.99
CA ILE B 113 3.94 -3.97 -15.46
C ILE B 113 3.97 -3.96 -13.95
N LEU B 114 4.78 -3.08 -13.39
CA LEU B 114 4.83 -2.89 -11.94
C LEU B 114 3.49 -2.51 -11.32
N GLY B 115 3.34 -2.84 -10.04
CA GLY B 115 2.15 -2.50 -9.30
C GLY B 115 2.22 -2.95 -7.86
N PHE B 116 1.46 -2.27 -7.02
CA PHE B 116 1.30 -2.68 -5.63
C PHE B 116 -0.08 -2.22 -5.12
N ASP B 117 -0.51 -2.79 -4.01
CA ASP B 117 -1.72 -2.37 -3.32
C ASP B 117 -1.36 -1.41 -2.21
N LEU B 118 -2.19 -0.39 -2.03
CA LEU B 118 -2.00 0.61 -0.97
C LEU B 118 -3.21 0.66 -0.07
N SER B 119 -2.98 0.55 1.24
CA SER B 119 -4.06 0.69 2.22
C SER B 119 -3.79 1.81 3.24
N ALA B 120 -4.69 2.80 3.25
CA ALA B 120 -4.70 3.89 4.24
C ALA B 120 -6.14 4.28 4.65
N GLY B 121 -6.93 3.27 4.99
CA GLY B 121 -8.36 3.44 5.23
C GLY B 121 -9.01 4.11 4.04
N CYS B 122 -9.96 4.99 4.35
CA CYS B 122 -10.65 5.78 3.35
C CYS B 122 -9.72 6.72 2.58
N ALA B 123 -8.65 7.20 3.22
CA ALA B 123 -7.70 8.12 2.57
C ALA B 123 -6.77 7.43 1.57
N GLY B 124 -7.07 6.18 1.23
CA GLY B 124 -6.22 5.38 0.34
C GLY B 124 -5.96 6.04 -1.00
N PHE B 125 -7.02 6.61 -1.58
CA PHE B 125 -6.91 7.21 -2.91
C PHE B 125 -5.93 8.39 -2.98
N GLY B 126 -6.05 9.33 -2.05
CA GLY B 126 -5.14 10.49 -2.01
C GLY B 126 -3.68 10.11 -1.82
N TYR B 127 -3.42 9.11 -0.97
CA TYR B 127 -2.07 8.55 -0.81
C TYR B 127 -1.63 7.87 -2.10
N ALA B 128 -2.54 7.13 -2.72
CA ALA B 128 -2.22 6.41 -3.96
C ALA B 128 -1.98 7.38 -5.11
N LEU B 129 -2.74 8.46 -5.15
CA LEU B 129 -2.59 9.46 -6.20
C LEU B 129 -1.26 10.18 -6.02
N GLY B 130 -0.98 10.55 -4.77
CA GLY B 130 0.31 11.14 -4.38
C GLY B 130 1.49 10.25 -4.77
N ALA B 131 1.45 9.00 -4.33
CA ALA B 131 2.46 8.00 -4.70
C ALA B 131 2.68 7.89 -6.22
N ALA B 132 1.60 7.86 -6.99
CA ALA B 132 1.72 7.72 -8.46
C ALA B 132 2.40 8.91 -9.09
N ALA B 133 1.98 10.12 -8.70
CA ALA B 133 2.62 11.34 -9.18
C ALA B 133 4.12 11.32 -8.85
N ASP B 134 4.45 10.99 -7.61
CA ASP B 134 5.86 10.86 -7.16
C ASP B 134 6.69 9.91 -8.01
N MET B 135 6.12 8.74 -8.28
CA MET B 135 6.76 7.72 -9.10
C MET B 135 6.93 8.20 -10.53
N ILE B 136 5.93 8.88 -11.08
CA ILE B 136 6.05 9.32 -12.47
C ILE B 136 7.12 10.42 -12.58
N ARG B 137 7.15 11.35 -11.63
CA ARG B 137 8.15 12.40 -11.62
C ARG B 137 9.57 11.88 -11.37
N GLY B 138 9.67 10.78 -10.61
CA GLY B 138 10.94 10.17 -10.29
C GLY B 138 11.55 9.34 -11.42
N GLY B 139 10.76 9.08 -12.46
CA GLY B 139 11.25 8.36 -13.63
C GLY B 139 10.91 6.88 -13.58
N GLY B 140 10.25 6.47 -12.48
CA GLY B 140 9.86 5.07 -12.28
C GLY B 140 8.75 4.58 -13.19
N ALA B 141 7.97 5.51 -13.73
CA ALA B 141 6.92 5.21 -14.70
C ALA B 141 6.61 6.46 -15.48
N ALA B 142 5.93 6.32 -16.62
CA ALA B 142 5.54 7.51 -17.39
C ALA B 142 4.02 7.78 -17.31
N THR B 143 3.23 6.72 -17.25
CA THR B 143 1.77 6.84 -17.22
C THR B 143 1.26 5.70 -16.36
N MET B 144 0.45 6.01 -15.37
CA MET B 144 -0.07 5.00 -14.47
C MET B 144 -1.60 4.97 -14.33
N LEU B 145 -2.11 3.83 -13.89
CA LEU B 145 -3.47 3.70 -13.41
C LEU B 145 -3.45 3.74 -11.88
N VAL B 146 -4.33 4.54 -11.30
CA VAL B 146 -4.60 4.52 -9.87
C VAL B 146 -6.07 4.23 -9.68
N VAL B 147 -6.36 3.13 -8.98
CA VAL B 147 -7.74 2.65 -8.84
C VAL B 147 -8.17 2.33 -7.40
N GLY B 148 -9.13 3.11 -6.94
CA GLY B 148 -9.82 2.84 -5.70
C GLY B 148 -10.94 1.85 -5.94
N THR B 149 -10.99 0.81 -5.13
CA THR B 149 -12.01 -0.22 -5.28
C THR B 149 -12.37 -0.80 -3.93
N GLU B 150 -13.66 -1.06 -3.76
CA GLU B 150 -14.15 -1.46 -2.47
C GLU B 150 -15.36 -2.41 -2.59
N LYS B 151 -15.24 -3.60 -2.02
CA LYS B 151 -16.42 -4.45 -1.78
C LYS B 151 -16.69 -4.49 -0.28
N LEU B 152 -17.35 -3.44 0.21
CA LEU B 152 -17.57 -3.28 1.65
C LEU B 152 -18.83 -4.01 2.13
N SER B 153 -19.73 -4.32 1.20
CA SER B 153 -21.02 -4.94 1.56
C SER B 153 -20.93 -6.18 2.51
N PRO B 154 -20.00 -7.12 2.28
CA PRO B 154 -19.98 -8.26 3.18
C PRO B 154 -19.34 -8.03 4.57
N THR B 155 -18.86 -6.81 4.84
CA THR B 155 -18.20 -6.44 6.11
C THR B 155 -19.19 -5.78 7.07
N ILE B 156 -20.40 -5.54 6.56
CA ILE B 156 -21.41 -4.79 7.25
C ILE B 156 -22.32 -5.65 8.12
N ASP B 157 -22.44 -5.25 9.39
CA ASP B 157 -23.43 -5.77 10.31
C ASP B 157 -24.75 -5.03 10.16
N MET B 158 -25.78 -5.69 9.64
CA MET B 158 -27.06 -5.06 9.38
C MET B 158 -27.78 -4.64 10.65
N TYR B 159 -27.28 -5.13 11.79
CA TYR B 159 -27.78 -4.77 13.10
C TYR B 159 -27.02 -3.62 13.75
N ASP B 160 -25.92 -3.18 13.13
CA ASP B 160 -25.19 -2.02 13.66
C ASP B 160 -25.90 -0.74 13.27
N ARG B 161 -26.63 -0.17 14.23
CA ARG B 161 -27.51 0.98 14.02
C ARG B 161 -26.70 2.25 13.79
N GLY B 162 -25.43 2.22 14.21
CA GLY B 162 -24.52 3.34 14.00
C GLY B 162 -23.91 3.40 12.61
N ASN B 163 -23.80 2.26 11.92
CA ASN B 163 -23.06 2.25 10.65
C ASN B 163 -23.60 1.39 9.49
N CYS B 164 -24.70 0.67 9.69
CA CYS B 164 -25.23 -0.23 8.63
C CYS B 164 -25.47 0.49 7.31
N PHE B 165 -25.89 1.75 7.41
CA PHE B 165 -26.28 2.57 6.25
C PHE B 165 -25.11 3.25 5.53
N ILE B 166 -23.91 3.22 6.13
CA ILE B 166 -22.77 4.00 5.62
C ILE B 166 -22.09 3.43 4.37
N PHE B 167 -21.62 2.18 4.46
CA PHE B 167 -20.67 1.67 3.49
C PHE B 167 -21.30 1.00 2.27
N ALA B 168 -20.51 0.89 1.21
CA ALA B 168 -21.02 0.47 -0.11
C ALA B 168 -19.91 0.02 -1.04
N ASP B 169 -20.32 -0.50 -2.20
CA ASP B 169 -19.41 -1.06 -3.18
C ASP B 169 -19.29 -0.18 -4.41
N GLY B 170 -18.12 -0.25 -5.05
CA GLY B 170 -17.85 0.46 -6.29
C GLY B 170 -16.37 0.49 -6.55
N ALA B 171 -16.00 0.96 -7.73
CA ALA B 171 -14.60 1.15 -8.10
C ALA B 171 -14.48 2.29 -9.09
N ALA B 172 -13.42 3.08 -8.98
CA ALA B 172 -13.14 4.10 -9.99
C ALA B 172 -11.65 4.28 -10.13
N ALA B 173 -11.19 4.42 -11.37
CA ALA B 173 -9.78 4.55 -11.68
C ALA B 173 -9.48 5.88 -12.35
N VAL B 174 -8.26 6.38 -12.13
CA VAL B 174 -7.73 7.50 -12.89
C VAL B 174 -6.45 7.10 -13.61
N VAL B 175 -6.30 7.65 -14.81
CA VAL B 175 -5.07 7.62 -15.57
C VAL B 175 -4.28 8.86 -15.18
N VAL B 176 -3.07 8.62 -14.68
CA VAL B 176 -2.16 9.68 -14.24
C VAL B 176 -0.99 9.70 -15.23
N GLY B 177 -0.74 10.86 -15.84
CA GLY B 177 0.35 10.98 -16.82
C GLY B 177 0.83 12.41 -17.01
N GLU B 178 1.79 12.60 -17.92
CA GLU B 178 2.37 13.92 -18.21
C GLU B 178 1.36 14.84 -18.83
N THR B 179 1.35 16.09 -18.35
CA THR B 179 0.46 17.14 -18.87
C THR B 179 1.27 18.40 -19.25
N PRO B 180 0.68 19.30 -20.08
CA PRO B 180 1.31 20.59 -20.42
C PRO B 180 1.71 21.42 -19.20
N PHE B 181 0.79 21.56 -18.25
CA PHE B 181 1.06 22.32 -17.02
C PHE B 181 0.77 21.44 -15.81
N GLN B 182 1.30 21.85 -14.66
CA GLN B 182 1.14 21.07 -13.44
C GLN B 182 -0.33 20.78 -13.19
N GLY B 183 -0.64 19.50 -12.95
CA GLY B 183 -2.02 19.09 -12.74
C GLY B 183 -2.34 18.45 -11.40
N ILE B 184 -1.30 18.12 -10.63
CA ILE B 184 -1.44 17.58 -9.27
C ILE B 184 -0.55 18.35 -8.33
N GLY B 185 -1.14 19.02 -7.35
CA GLY B 185 -0.38 19.73 -6.33
C GLY B 185 0.27 18.79 -5.33
N PRO B 186 1.15 19.33 -4.46
CA PRO B 186 1.82 18.53 -3.45
C PRO B 186 0.82 17.84 -2.53
N THR B 187 1.25 16.70 -1.96
CA THR B 187 0.41 15.87 -1.12
C THR B 187 0.42 16.40 0.30
N VAL B 188 -0.77 16.57 0.85
CA VAL B 188 -0.93 16.89 2.27
C VAL B 188 -1.58 15.70 2.95
N ALA B 189 -0.89 15.12 3.92
CA ALA B 189 -1.37 13.89 4.54
C ALA B 189 -0.95 13.81 5.99
N GLY B 190 -1.50 12.83 6.69
CA GLY B 190 -1.26 12.71 8.11
C GLY B 190 -2.21 11.73 8.72
N SER B 191 -2.10 11.55 10.03
N SER B 191 -2.15 11.59 10.03
CA SER B 191 -2.84 10.52 10.75
CA SER B 191 -2.92 10.57 10.72
C SER B 191 -3.29 11.00 12.14
C SER B 191 -3.28 10.98 12.14
N ASP B 192 -4.14 10.19 12.79
CA ASP B 192 -4.25 10.23 14.25
C ASP B 192 -4.30 8.80 14.72
N GLY B 193 -3.12 8.21 14.85
CA GLY B 193 -2.97 6.79 15.17
C GLY B 193 -3.51 6.40 16.53
N GLU B 194 -3.66 7.41 17.41
CA GLU B 194 -4.19 7.17 18.75
C GLU B 194 -5.69 6.93 18.72
N GLN B 195 -6.31 7.18 17.56
CA GLN B 195 -7.71 6.91 17.35
C GLN B 195 -7.94 5.81 16.32
N ALA B 196 -7.03 4.84 16.26
CA ALA B 196 -7.13 3.73 15.29
C ALA B 196 -8.41 2.93 15.47
N ASP B 197 -8.91 2.85 16.69
N ASP B 197 -8.87 2.90 16.71
CA ASP B 197 -10.12 2.07 16.98
CA ASP B 197 -10.08 2.22 17.17
C ASP B 197 -11.40 2.77 16.55
C ASP B 197 -11.36 2.78 16.55
N ALA B 198 -11.30 4.01 16.07
CA ALA B 198 -12.48 4.80 15.68
C ALA B 198 -13.25 4.16 14.54
N ILE B 199 -12.50 3.57 13.61
CA ILE B 199 -13.08 2.84 12.48
C ILE B 199 -12.18 1.62 12.34
N ARG B 200 -12.80 0.44 12.34
CA ARG B 200 -12.02 -0.79 12.46
C ARG B 200 -12.78 -2.05 12.09
N GLN B 201 -11.99 -3.06 11.70
CA GLN B 201 -12.40 -4.44 11.81
C GLN B 201 -12.29 -4.77 13.30
N ASP B 202 -13.36 -5.28 13.91
CA ASP B 202 -13.39 -5.47 15.35
C ASP B 202 -12.67 -6.72 15.86
N ILE B 203 -12.62 -7.77 15.05
CA ILE B 203 -11.88 -8.98 15.41
C ILE B 203 -10.88 -9.26 14.31
N ASP B 204 -9.59 -9.32 14.66
CA ASP B 204 -8.56 -9.67 13.67
C ASP B 204 -8.81 -11.07 13.10
N TRP B 205 -8.36 -11.29 11.87
CA TRP B 205 -8.68 -12.51 11.17
C TRP B 205 -8.13 -13.75 11.82
N ILE B 206 -6.97 -13.65 12.44
CA ILE B 206 -6.34 -14.82 13.06
C ILE B 206 -7.02 -15.21 14.37
N THR B 207 -7.30 -14.22 15.21
CA THR B 207 -8.12 -14.44 16.40
C THR B 207 -9.45 -15.13 16.01
N PHE B 208 -10.08 -14.60 14.95
CA PHE B 208 -11.28 -15.20 14.38
C PHE B 208 -11.06 -16.63 13.87
N ALA B 209 -9.96 -16.86 13.14
CA ALA B 209 -9.70 -18.18 12.54
C ALA B 209 -9.63 -19.29 13.59
N GLN B 210 -9.34 -18.91 14.82
CA GLN B 210 -9.25 -19.87 15.92
C GLN B 210 -10.58 -20.22 16.54
N ASN B 211 -11.60 -19.40 16.28
CA ASN B 211 -12.93 -19.62 16.81
C ASN B 211 -13.99 -19.16 15.81
N PRO B 212 -13.97 -19.75 14.58
CA PRO B 212 -14.86 -19.19 13.54
C PRO B 212 -16.36 -19.39 13.76
N SER B 213 -16.74 -20.25 14.70
CA SER B 213 -18.16 -20.49 14.96
C SER B 213 -18.72 -19.55 16.02
N GLY B 214 -17.82 -18.77 16.63
CA GLY B 214 -18.20 -17.64 17.46
C GLY B 214 -18.44 -16.39 16.61
N PRO B 215 -18.49 -15.21 17.24
CA PRO B 215 -18.72 -13.96 16.54
C PRO B 215 -17.73 -13.74 15.39
N ARG B 216 -18.20 -13.21 14.27
CA ARG B 216 -17.28 -12.92 13.16
C ARG B 216 -16.89 -11.44 13.14
N PRO B 217 -15.81 -11.07 12.41
CA PRO B 217 -15.49 -9.66 12.22
C PRO B 217 -16.51 -8.90 11.37
N PHE B 218 -16.79 -7.68 11.79
CA PHE B 218 -17.57 -6.72 11.01
C PHE B 218 -16.90 -5.36 11.10
N VAL B 219 -17.26 -4.46 10.19
CA VAL B 219 -16.81 -3.07 10.32
C VAL B 219 -17.55 -2.40 11.49
N ARG B 220 -16.77 -1.79 12.40
CA ARG B 220 -17.28 -0.99 13.52
C ARG B 220 -16.82 0.46 13.42
N LEU B 221 -17.68 1.37 13.83
CA LEU B 221 -17.40 2.79 13.67
C LEU B 221 -17.97 3.60 14.82
N GLU B 222 -17.12 4.38 15.46
CA GLU B 222 -17.57 5.28 16.51
C GLU B 222 -17.89 6.63 15.87
N GLY B 223 -19.15 6.78 15.48
CA GLY B 223 -19.59 7.88 14.63
C GLY B 223 -19.35 9.28 15.14
N PRO B 224 -19.81 9.57 16.38
CA PRO B 224 -19.52 10.86 17.02
C PRO B 224 -18.04 11.21 17.01
N ALA B 225 -17.18 10.27 17.40
CA ALA B 225 -15.73 10.47 17.33
C ALA B 225 -15.20 10.87 15.94
N VAL B 226 -15.72 10.20 14.91
CA VAL B 226 -15.29 10.41 13.52
C VAL B 226 -15.82 11.74 13.02
N PHE B 227 -17.08 12.05 13.31
CA PHE B 227 -17.70 13.33 12.93
C PHE B 227 -16.91 14.49 13.54
N ARG B 228 -16.71 14.42 14.85
CA ARG B 228 -15.95 15.45 15.57
C ARG B 228 -14.56 15.70 14.98
N TRP B 229 -13.87 14.63 14.60
CA TRP B 229 -12.51 14.74 14.11
C TRP B 229 -12.46 15.31 12.71
N ALA B 230 -13.31 14.79 11.81
CA ALA B 230 -13.37 15.34 10.46
C ALA B 230 -13.74 16.83 10.43
N ALA B 231 -14.75 17.21 11.22
CA ALA B 231 -15.22 18.59 11.25
C ALA B 231 -14.17 19.52 11.83
N PHE B 232 -13.43 19.02 12.82
CA PHE B 232 -12.36 19.76 13.48
C PHE B 232 -11.11 19.90 12.63
N LYS B 233 -10.78 18.86 11.86
CA LYS B 233 -9.46 18.75 11.30
C LYS B 233 -9.39 19.05 9.80
N MET B 234 -10.44 18.72 9.07
CA MET B 234 -10.31 18.71 7.60
C MET B 234 -10.22 20.09 6.98
N GLY B 235 -10.73 21.11 7.67
CA GLY B 235 -10.59 22.49 7.21
C GLY B 235 -9.13 22.90 7.11
N ASP B 236 -8.36 22.59 8.15
CA ASP B 236 -6.93 22.86 8.17
C ASP B 236 -6.23 22.09 7.07
N VAL B 237 -6.57 20.81 6.97
CA VAL B 237 -6.04 19.92 5.96
C VAL B 237 -6.26 20.50 4.56
N GLY B 238 -7.49 20.95 4.29
CA GLY B 238 -7.85 21.57 3.00
C GLY B 238 -7.02 22.80 2.75
N ARG B 239 -6.86 23.64 3.77
CA ARG B 239 -6.07 24.86 3.65
C ARG B 239 -4.61 24.53 3.38
N ARG B 240 -4.10 23.46 3.99
CA ARG B 240 -2.72 23.07 3.75
C ARG B 240 -2.48 22.61 2.32
N ALA B 241 -3.43 21.86 1.77
CA ALA B 241 -3.39 21.43 0.36
C ALA B 241 -3.45 22.60 -0.63
N MET B 242 -4.25 23.62 -0.34
CA MET B 242 -4.34 24.78 -1.22
C MET B 242 -3.07 25.62 -1.09
N ASP B 243 -2.65 25.85 0.15
CA ASP B 243 -1.38 26.53 0.43
C ASP B 243 -0.22 25.88 -0.30
N ALA B 244 -0.09 24.56 -0.18
CA ALA B 244 0.96 23.82 -0.87
C ALA B 244 0.87 23.96 -2.40
N ALA B 245 -0.35 23.96 -2.94
CA ALA B 245 -0.54 24.11 -4.39
C ALA B 245 -0.42 25.56 -4.88
N GLY B 246 -0.44 26.50 -3.95
CA GLY B 246 -0.27 27.91 -4.25
C GLY B 246 -1.58 28.53 -4.72
N VAL B 247 -2.70 27.98 -4.23
CA VAL B 247 -4.01 28.48 -4.60
C VAL B 247 -4.81 29.02 -3.40
N ARG B 248 -5.73 29.93 -3.69
CA ARG B 248 -6.62 30.50 -2.69
C ARG B 248 -7.94 29.75 -2.73
N PRO B 249 -8.66 29.69 -1.59
CA PRO B 249 -10.01 29.14 -1.50
C PRO B 249 -11.00 29.61 -2.57
N ASP B 250 -10.92 30.88 -2.95
CA ASP B 250 -11.88 31.43 -3.92
C ASP B 250 -11.54 30.97 -5.34
N GLN B 251 -10.40 30.31 -5.49
CA GLN B 251 -10.00 29.81 -6.81
C GLN B 251 -10.52 28.40 -7.08
N ILE B 252 -10.82 27.65 -6.02
CA ILE B 252 -11.39 26.31 -6.15
C ILE B 252 -12.76 26.31 -6.84
N ASP B 253 -12.87 25.55 -7.94
CA ASP B 253 -14.10 25.39 -8.71
C ASP B 253 -14.94 24.22 -8.24
N VAL B 254 -14.26 23.13 -7.86
CA VAL B 254 -14.91 21.90 -7.46
C VAL B 254 -14.35 21.40 -6.14
N PHE B 255 -15.22 21.09 -5.19
CA PHE B 255 -14.80 20.53 -3.91
C PHE B 255 -15.21 19.07 -3.87
N VAL B 256 -14.22 18.18 -3.77
CA VAL B 256 -14.48 16.74 -3.68
C VAL B 256 -13.95 16.19 -2.35
N PRO B 257 -14.72 16.41 -1.26
CA PRO B 257 -14.44 15.76 0.02
C PRO B 257 -14.87 14.31 -0.03
N HIS B 258 -14.34 13.51 0.89
CA HIS B 258 -14.74 12.12 1.00
C HIS B 258 -16.25 12.07 1.24
N GLN B 259 -16.91 11.11 0.63
CA GLN B 259 -18.37 10.98 0.76
C GLN B 259 -18.67 10.13 1.99
N PHE B 260 -18.44 10.71 3.16
CA PHE B 260 -18.65 10.01 4.42
C PHE B 260 -19.99 10.40 5.03
N ASN B 261 -20.32 11.70 4.93
CA ASN B 261 -21.48 12.30 5.57
C ASN B 261 -21.68 13.69 4.99
N SER B 262 -22.87 13.96 4.42
CA SER B 262 -23.14 15.26 3.80
C SER B 262 -23.04 16.45 4.76
N ARG B 263 -23.39 16.23 6.01
CA ARG B 263 -23.38 17.30 6.99
C ARG B 263 -21.95 17.72 7.30
N ILE B 264 -21.03 16.76 7.34
CA ILE B 264 -19.60 17.09 7.49
C ILE B 264 -19.19 17.97 6.30
N ASN B 265 -19.53 17.53 5.09
CA ASN B 265 -19.13 18.20 3.86
C ASN B 265 -19.67 19.62 3.70
N GLU B 266 -20.85 19.88 4.27
CA GLU B 266 -21.42 21.24 4.30
C GLU B 266 -20.66 22.12 5.26
N LEU B 267 -20.42 21.59 6.46
CA LEU B 267 -19.62 22.30 7.45
C LEU B 267 -18.26 22.66 6.88
N LEU B 268 -17.68 21.75 6.10
CA LEU B 268 -16.34 21.98 5.51
C LEU B 268 -16.33 23.07 4.44
N VAL B 269 -17.39 23.13 3.63
CA VAL B 269 -17.57 24.18 2.62
C VAL B 269 -17.50 25.55 3.29
N LYS B 270 -18.32 25.72 4.32
CA LYS B 270 -18.32 26.96 5.10
C LYS B 270 -16.96 27.22 5.74
N ASN B 271 -16.35 26.18 6.28
CA ASN B 271 -15.05 26.32 6.95
C ASN B 271 -13.90 26.69 5.99
N LEU B 272 -13.92 26.11 4.78
CA LEU B 272 -12.85 26.35 3.82
C LEU B 272 -12.94 27.71 3.14
N GLN B 273 -14.09 28.36 3.28
CA GLN B 273 -14.39 29.67 2.68
C GLN B 273 -14.41 29.62 1.15
N LEU B 274 -14.91 28.51 0.62
CA LEU B 274 -14.99 28.33 -0.81
C LEU B 274 -16.02 29.31 -1.38
N ARG B 275 -15.97 29.53 -2.70
CA ARG B 275 -16.92 30.38 -3.41
C ARG B 275 -18.35 29.86 -3.26
N PRO B 276 -19.33 30.77 -3.19
CA PRO B 276 -20.75 30.40 -3.18
C PRO B 276 -21.10 29.37 -4.26
N ASP B 277 -20.57 29.58 -5.46
CA ASP B 277 -20.91 28.74 -6.62
C ASP B 277 -19.99 27.54 -6.86
N ALA B 278 -19.04 27.31 -5.94
CA ALA B 278 -18.22 26.11 -6.00
C ALA B 278 -19.11 24.88 -6.03
N VAL B 279 -18.85 23.99 -6.98
CA VAL B 279 -19.54 22.73 -7.13
C VAL B 279 -19.01 21.77 -6.03
N VAL B 280 -19.93 21.20 -5.25
CA VAL B 280 -19.56 20.28 -4.16
C VAL B 280 -20.07 18.86 -4.44
N ALA B 281 -19.14 17.90 -4.44
CA ALA B 281 -19.48 16.49 -4.66
C ALA B 281 -20.54 15.99 -3.70
N ASN B 282 -21.59 15.37 -4.25
CA ASN B 282 -22.63 14.76 -3.42
C ASN B 282 -23.04 13.40 -3.96
N ASP B 283 -22.06 12.69 -4.54
CA ASP B 283 -22.26 11.32 -5.01
C ASP B 283 -22.83 10.42 -3.90
N ILE B 284 -22.50 10.75 -2.65
CA ILE B 284 -22.96 9.98 -1.48
C ILE B 284 -24.43 9.58 -1.49
N GLU B 285 -25.26 10.43 -2.11
CA GLU B 285 -26.71 10.24 -2.14
C GLU B 285 -27.15 8.88 -2.67
N HIS B 286 -26.51 8.42 -3.76
CA HIS B 286 -26.85 7.14 -4.40
C HIS B 286 -25.69 6.16 -4.43
N THR B 287 -24.62 6.51 -3.72
CA THR B 287 -23.41 5.71 -3.78
C THR B 287 -22.92 5.34 -2.37
N GLY B 288 -23.37 6.10 -1.39
CA GLY B 288 -22.89 5.91 -0.01
C GLY B 288 -21.40 6.14 0.09
N ASN B 289 -20.79 5.58 1.13
CA ASN B 289 -19.35 5.66 1.35
C ASN B 289 -18.61 4.44 0.79
N THR B 290 -18.01 4.61 -0.38
CA THR B 290 -17.24 3.56 -1.04
C THR B 290 -15.74 3.62 -0.70
N SER B 291 -15.43 4.16 0.48
N SER B 291 -15.42 4.13 0.49
CA SER B 291 -14.06 4.24 1.01
CA SER B 291 -14.04 4.22 1.00
C SER B 291 -13.00 4.73 0.00
C SER B 291 -13.01 4.72 -0.01
N ALA B 292 -12.10 3.85 -0.42
CA ALA B 292 -11.01 4.24 -1.32
C ALA B 292 -11.49 4.63 -2.72
N ALA B 293 -12.65 4.11 -3.13
CA ALA B 293 -13.28 4.50 -4.41
C ALA B 293 -14.09 5.81 -4.38
N SER B 294 -14.29 6.37 -3.19
CA SER B 294 -15.22 7.49 -3.03
C SER B 294 -14.86 8.75 -3.84
N ILE B 295 -13.65 9.26 -3.64
CA ILE B 295 -13.24 10.49 -4.33
C ILE B 295 -13.33 10.35 -5.87
N PRO B 296 -12.63 9.35 -6.46
CA PRO B 296 -12.72 9.20 -7.92
C PRO B 296 -14.12 8.86 -8.43
N LEU B 297 -14.90 8.09 -7.67
CA LEU B 297 -16.32 7.88 -8.06
C LEU B 297 -17.10 9.19 -8.04
N ALA B 298 -16.82 10.06 -7.07
CA ALA B 298 -17.47 11.35 -6.95
C ALA B 298 -17.05 12.29 -8.08
N MET B 299 -15.76 12.26 -8.45
CA MET B 299 -15.26 13.01 -9.60
C MET B 299 -15.99 12.56 -10.87
N ALA B 300 -16.11 11.24 -11.00
CA ALA B 300 -16.79 10.61 -12.12
C ALA B 300 -18.22 11.10 -12.23
N GLU B 301 -18.92 11.14 -11.11
CA GLU B 301 -20.30 11.61 -11.04
C GLU B 301 -20.47 13.09 -11.47
N LEU B 302 -19.60 13.97 -10.97
CA LEU B 302 -19.69 15.39 -11.31
C LEU B 302 -19.46 15.64 -12.80
N LEU B 303 -18.55 14.87 -13.38
CA LEU B 303 -18.28 14.94 -14.80
C LEU B 303 -19.43 14.41 -15.66
N THR B 304 -19.98 13.27 -15.28
CA THR B 304 -21.07 12.60 -16.02
C THR B 304 -22.30 13.50 -16.11
N THR B 305 -22.59 14.20 -15.01
CA THR B 305 -23.74 15.08 -14.93
C THR B 305 -23.46 16.44 -15.55
N GLY B 306 -22.19 16.71 -15.85
CA GLY B 306 -21.76 18.00 -16.37
C GLY B 306 -21.79 19.13 -15.34
N ALA B 307 -21.78 18.77 -14.06
CA ALA B 307 -21.70 19.76 -13.00
C ALA B 307 -20.28 20.30 -12.93
N ALA B 308 -19.32 19.44 -13.26
CA ALA B 308 -17.93 19.85 -13.45
C ALA B 308 -17.44 19.54 -14.87
N LYS B 309 -16.47 20.32 -15.35
CA LYS B 309 -15.84 20.12 -16.66
C LYS B 309 -14.40 19.71 -16.46
N PRO B 310 -13.83 18.93 -17.40
CA PRO B 310 -12.39 18.67 -17.41
C PRO B 310 -11.59 19.98 -17.35
N GLY B 311 -10.61 20.04 -16.45
CA GLY B 311 -9.80 21.24 -16.29
C GLY B 311 -10.21 22.15 -15.15
N ASP B 312 -11.41 21.95 -14.59
CA ASP B 312 -11.87 22.69 -13.40
C ASP B 312 -10.92 22.41 -12.24
N LEU B 313 -10.58 23.44 -11.46
CA LEU B 313 -9.67 23.28 -10.33
C LEU B 313 -10.39 22.64 -9.15
N ALA B 314 -9.86 21.50 -8.70
CA ALA B 314 -10.54 20.68 -7.69
C ALA B 314 -9.75 20.54 -6.40
N LEU B 315 -10.44 20.51 -5.27
CA LEU B 315 -9.82 20.22 -3.99
C LEU B 315 -10.32 18.88 -3.48
N LEU B 316 -9.39 17.96 -3.27
CA LEU B 316 -9.72 16.61 -2.83
C LEU B 316 -9.28 16.43 -1.39
N ILE B 317 -10.19 15.94 -0.56
CA ILE B 317 -9.87 15.59 0.83
C ILE B 317 -10.48 14.24 1.21
N GLY B 318 -9.59 13.28 1.45
CA GLY B 318 -9.99 11.97 1.93
C GLY B 318 -9.72 11.90 3.41
N TYR B 319 -10.62 11.24 4.13
CA TYR B 319 -10.51 11.07 5.58
C TYR B 319 -11.20 9.79 5.99
N GLY B 320 -10.62 9.08 6.94
CA GLY B 320 -11.21 7.82 7.38
C GLY B 320 -10.35 7.03 8.32
N ALA B 321 -10.48 5.72 8.22
CA ALA B 321 -9.87 4.78 9.14
C ALA B 321 -8.38 4.96 9.24
N GLY B 322 -7.87 4.54 10.39
CA GLY B 322 -6.47 4.66 10.77
C GLY B 322 -6.50 5.83 11.69
N LEU B 323 -7.58 6.59 11.49
CA LEU B 323 -7.58 8.04 11.34
C LEU B 323 -6.44 8.44 10.42
N SER B 324 -6.78 8.51 9.13
CA SER B 324 -5.84 8.90 8.09
C SER B 324 -6.53 9.90 7.21
N TYR B 325 -5.75 10.81 6.64
CA TYR B 325 -6.27 11.79 5.70
C TYR B 325 -5.19 12.07 4.67
N ALA B 326 -5.63 12.39 3.46
CA ALA B 326 -4.74 12.69 2.34
C ALA B 326 -5.46 13.65 1.42
N ALA B 327 -4.80 14.74 1.05
CA ALA B 327 -5.43 15.80 0.27
C ALA B 327 -4.52 16.39 -0.81
N GLN B 328 -5.14 16.89 -1.88
CA GLN B 328 -4.40 17.57 -2.93
C GLN B 328 -5.33 18.40 -3.79
N VAL B 329 -4.76 19.44 -4.38
CA VAL B 329 -5.45 20.22 -5.40
C VAL B 329 -5.11 19.57 -6.74
N VAL B 330 -6.13 19.30 -7.56
CA VAL B 330 -5.90 18.71 -8.88
C VAL B 330 -6.77 19.45 -9.87
N ARG B 331 -6.49 19.29 -11.17
CA ARG B 331 -7.43 19.70 -12.22
C ARG B 331 -8.29 18.49 -12.53
N MET B 332 -9.57 18.73 -12.81
CA MET B 332 -10.49 17.65 -13.08
C MET B 332 -10.15 16.94 -14.39
N PRO B 333 -10.21 15.61 -14.37
CA PRO B 333 -9.86 14.82 -15.53
C PRO B 333 -11.00 14.75 -16.49
N LYS B 334 -10.76 14.10 -17.61
CA LYS B 334 -11.76 13.41 -18.43
C LYS B 334 -11.31 13.50 -19.88
#